data_8FJ7
#
_entry.id   8FJ7
#
_cell.length_a   119.536
_cell.length_b   179.040
_cell.length_c   234.240
_cell.angle_alpha   90.00
_cell.angle_beta   90.00
_cell.angle_gamma   90.00
#
_symmetry.space_group_name_H-M   'I 2 2 2'
#
loop_
_entity.id
_entity.type
_entity.pdbx_description
1 polymer 'Lysine-specific histone demethylase 1A'
2 polymer 'REST corepressor 1'
3 polymer 'Zinc finger protein SNAI1'
4 non-polymer '[(2R,3S,4R,5R)-5-(6-amino-9H-purin-9-yl)-3,4-dihydroxyoxolan-2-yl]methyl (2R,3S,4S)-5-[7,8-dimethyl-2,4-dioxo-5-{3-[3-(phenylcarbamoyl)phenyl]propanoyl}-1,3,4,5-tetrahydrobenzo[g]pteridin-10(2H)-yl]-2,3,4-trihydroxypentyl dihydrogen diphosphate'
#
loop_
_entity_poly.entity_id
_entity_poly.type
_entity_poly.pdbx_seq_one_letter_code
_entity_poly.pdbx_strand_id
1 'polypeptide(L)'
;GSSHHHHHHSSGLVPRGSHMLSGKKAAAAAAAAAAAATGTEAGPGTAGGSENGSEVAAQPAGLSGPAEVGPGAVGERTPR
KKEPPRASPPGGLAEPPGSAGPQAGPTVVPGSATPMETGIAETPEGRRTSRRKRAKVEYREMDESLANLSEDEYYSEEER
NAKAEKEKKLPPPPPQAPPEEENESEPEEPSGVEGAAFQSRLPHDRMTSQEAACFPDIISGPQQTQKVFLFIRNRTLQLW
LDNPKIQLTFEATLQQLEAPYNSDTVLVHRVHSYLERHGLINFGIYKRIKPLPTKKTGKVIIIGSGVSGLAAARQLQSFG
MDVTLLEARDRVGGRVATFRKGNYVADLGAMVVTGLGGNPMAVVSKQVNMELAKIKQKCPLYEANGQAVPKEKDEMVEQE
FNRLLEATSYLSHQLDFNVLNNKPVSLGQALEVVIQLQEKHVKDEQIEHWKKIVKTQEELKELLNKMVNLKEKIKELHQQ
YKEASEVKPPRDITAEFLVKSKHRDLTALCKEYDELAETQGKLEEKLQELEANPPSDVYLSSRDRQILDWHFANLEFANA
TPLSTLSLKHWDQDDDFEFTGSHLTVRNGYSCVPVALAEGLDIKLNTAVRQVRYTASGCEVIAVNTRSTSQTFIYKCDAV
LCTLPLGVLKQQPPAVQFVPPLPEWKTSAVQRMGFGNLNKVVLCFDRVFWDPSVNLFGHVGSTTASRGELFLFWNLYKAP
ILLALVAGEAAGIMENISDDVIVGRCLAILKGIFGSSAVPQPKETVVSRWRADPWARGSYSYVAAGSSGNDYDLMAQPIT
PGPSIPGAPQPIPRLFFAGEHTIRNYPATVHGALLSGLREAGRIADQFLGAMYTLPRQATPGVPAQQSPSM
;
A
2 'polypeptide(L)'
;GPLGSPEFRAKRKPPKGMFLSQEDVEAVSANATAATTVLRQLDMELVSVKRQIQNIKQTNSALKEKLDGGIEPYRLPEVI
QKCNARWTTEEQLLAVQAIRKYGRDFQAISDVIGNKSVVQVKNFFVNYRRRFNIDEVLQEWEAE
;
B
3 'polypeptide(L)' PRSFLVRKP C
#
loop_
_chem_comp.id
_chem_comp.type
_chem_comp.name
_chem_comp.formula
Y0Z non-polymer '[(2R,3S,4R,5R)-5-(6-amino-9H-purin-9-yl)-3,4-dihydroxyoxolan-2-yl]methyl (2R,3S,4S)-5-[7,8-dimethyl-2,4-dioxo-5-{3-[3-(phenylcarbamoyl)phenyl]propanoyl}-1,3,4,5-tetrahydrobenzo[g]pteridin-10(2H)-yl]-2,3,4-trihydroxypentyl dihydrogen diphosphate' 'C43 H48 N10 O17 P2'
#
# COMPACT_ATOMS: atom_id res chain seq x y z
N PRO A 190 7.01 20.26 -18.47
CA PRO A 190 7.88 21.44 -18.55
C PRO A 190 8.61 21.61 -19.91
N SER A 191 8.69 22.86 -20.40
CA SER A 191 9.31 23.21 -21.68
C SER A 191 10.28 24.39 -21.49
N GLY A 192 11.09 24.64 -22.52
CA GLY A 192 12.06 25.73 -22.49
C GLY A 192 13.41 25.29 -21.97
N VAL A 193 14.16 26.25 -21.40
CA VAL A 193 15.37 25.85 -20.69
C VAL A 193 15.01 25.18 -19.38
N GLU A 194 13.85 25.50 -18.81
CA GLU A 194 13.40 24.78 -17.61
C GLU A 194 13.23 23.30 -17.86
N GLY A 195 12.75 22.93 -19.06
CA GLY A 195 12.56 21.52 -19.35
C GLY A 195 13.86 20.77 -19.38
N ALA A 196 14.93 21.44 -19.83
CA ALA A 196 16.25 20.82 -19.85
C ALA A 196 16.69 20.40 -18.45
N ALA A 197 16.49 21.28 -17.47
CA ALA A 197 16.85 20.94 -16.09
C ALA A 197 16.03 19.76 -15.57
N PHE A 198 14.72 19.82 -15.77
CA PHE A 198 13.84 18.73 -15.34
C PHE A 198 14.21 17.42 -16.05
N GLN A 199 14.43 17.47 -17.37
CA GLN A 199 14.84 16.31 -18.13
C GLN A 199 16.28 15.89 -17.82
N SER A 200 17.00 16.64 -17.01
CA SER A 200 18.28 16.20 -16.50
C SER A 200 18.23 15.93 -15.00
N ARG A 201 17.03 15.73 -14.45
CA ARG A 201 16.84 15.45 -13.02
C ARG A 201 17.44 16.54 -12.14
N LEU A 202 17.47 17.80 -12.62
CA LEU A 202 18.06 18.94 -11.92
C LEU A 202 17.04 20.03 -11.62
N PRO A 203 17.09 20.62 -10.42
CA PRO A 203 16.26 21.80 -10.16
C PRO A 203 16.73 22.99 -10.99
N HIS A 204 15.78 23.63 -11.66
CA HIS A 204 16.07 24.63 -12.69
C HIS A 204 16.45 25.96 -12.08
N ASP A 205 16.09 26.18 -10.80
CA ASP A 205 16.21 27.46 -10.11
C ASP A 205 17.11 27.39 -8.88
N ARG A 206 17.78 26.26 -8.67
CA ARG A 206 18.74 26.06 -7.59
C ARG A 206 19.99 25.39 -8.11
N MET A 207 21.08 25.52 -7.36
CA MET A 207 22.28 24.76 -7.61
C MET A 207 22.31 23.53 -6.72
N THR A 208 22.65 22.38 -7.31
CA THR A 208 22.68 21.11 -6.58
C THR A 208 23.88 21.07 -5.65
N SER A 209 23.87 20.10 -4.74
CA SER A 209 25.03 19.86 -3.89
C SER A 209 26.29 19.65 -4.71
N GLN A 210 26.16 18.99 -5.87
CA GLN A 210 27.33 18.71 -6.68
C GLN A 210 27.93 19.98 -7.28
N GLU A 211 27.08 20.87 -7.77
CA GLU A 211 27.56 22.11 -8.37
C GLU A 211 28.17 23.03 -7.33
N ALA A 212 27.58 23.05 -6.14
CA ALA A 212 28.22 23.73 -5.03
C ALA A 212 29.67 23.29 -4.86
N ALA A 213 29.93 22.01 -5.10
CA ALA A 213 31.28 21.52 -4.88
C ALA A 213 32.21 21.93 -6.01
N CYS A 214 31.77 21.86 -7.27
CA CYS A 214 32.62 22.26 -8.37
C CYS A 214 32.69 23.77 -8.57
N PHE A 215 31.69 24.51 -8.10
CA PHE A 215 31.66 25.97 -8.26
C PHE A 215 31.39 26.63 -6.92
N PRO A 216 32.23 26.37 -5.91
CA PRO A 216 31.97 26.99 -4.59
C PRO A 216 32.09 28.49 -4.60
N ASP A 217 32.81 29.08 -5.56
CA ASP A 217 32.77 30.55 -5.71
C ASP A 217 31.34 31.03 -5.98
N ILE A 218 30.63 30.35 -6.88
CA ILE A 218 29.34 30.84 -7.35
C ILE A 218 28.25 30.68 -6.27
N ILE A 219 28.14 29.49 -5.65
CA ILE A 219 27.14 29.23 -4.61
C ILE A 219 27.31 30.19 -3.44
N SER A 220 28.52 30.64 -3.20
CA SER A 220 28.73 31.52 -2.02
C SER A 220 28.70 32.98 -2.46
N GLY A 221 28.54 33.20 -3.75
CA GLY A 221 28.59 34.55 -4.34
C GLY A 221 27.26 35.23 -4.36
N PRO A 222 27.15 36.32 -5.13
CA PRO A 222 25.91 37.06 -5.26
C PRO A 222 24.87 36.28 -6.08
N GLN A 223 23.60 36.49 -5.77
CA GLN A 223 22.51 35.75 -6.42
C GLN A 223 22.48 36.01 -7.93
N GLN A 224 22.82 37.20 -8.39
CA GLN A 224 22.73 37.46 -9.83
C GLN A 224 23.64 36.49 -10.57
N THR A 225 24.86 36.29 -10.10
CA THR A 225 25.77 35.37 -10.81
C THR A 225 25.20 33.95 -10.78
N GLN A 226 24.57 33.54 -9.68
CA GLN A 226 24.00 32.18 -9.67
C GLN A 226 22.99 32.05 -10.79
N LYS A 227 22.11 33.04 -10.98
CA LYS A 227 21.13 32.93 -12.08
C LYS A 227 21.87 32.81 -13.40
N VAL A 228 23.00 33.48 -13.53
CA VAL A 228 23.78 33.40 -14.76
C VAL A 228 24.28 31.96 -14.95
N PHE A 229 24.90 31.41 -13.92
CA PHE A 229 25.32 30.02 -13.96
C PHE A 229 24.14 29.11 -14.27
N LEU A 230 23.06 29.26 -13.49
CA LEU A 230 21.91 28.38 -13.63
C LEU A 230 21.37 28.45 -15.04
N PHE A 231 21.40 29.64 -15.64
CA PHE A 231 20.98 29.76 -17.03
C PHE A 231 21.97 29.04 -17.94
N ILE A 232 23.27 29.24 -17.70
CA ILE A 232 24.25 28.69 -18.62
C ILE A 232 24.19 27.17 -18.57
N ARG A 233 24.02 26.62 -17.37
CA ARG A 233 23.81 25.18 -17.22
C ARG A 233 22.59 24.74 -18.00
N ASN A 234 21.41 25.32 -17.69
CA ASN A 234 20.16 24.89 -18.30
C ASN A 234 20.20 25.01 -19.82
N ARG A 235 20.80 26.10 -20.30
CA ARG A 235 20.90 26.31 -21.75
C ARG A 235 21.74 25.20 -22.38
N THR A 236 22.95 24.98 -21.86
CA THR A 236 23.82 23.92 -22.41
C THR A 236 23.13 22.56 -22.40
N LEU A 237 22.47 22.20 -21.29
CA LEU A 237 21.71 20.96 -21.25
C LEU A 237 20.73 20.91 -22.42
N GLN A 238 19.99 22.00 -22.63
CA GLN A 238 19.02 22.06 -23.73
C GLN A 238 19.70 21.71 -25.05
N LEU A 239 20.80 22.41 -25.38
CA LEU A 239 21.48 22.19 -26.66
C LEU A 239 21.78 20.70 -26.88
N TRP A 240 22.31 20.05 -25.84
CA TRP A 240 22.55 18.61 -25.90
C TRP A 240 21.27 17.84 -26.17
N LEU A 241 20.22 18.13 -25.39
CA LEU A 241 18.99 17.34 -25.48
C LEU A 241 18.30 17.51 -26.83
N ASP A 242 18.42 18.69 -27.45
CA ASP A 242 17.74 18.92 -28.73
C ASP A 242 18.40 18.17 -29.86
N ASN A 243 19.62 17.71 -29.67
CA ASN A 243 20.27 16.93 -30.70
C ASN A 243 21.34 16.09 -30.03
N PRO A 244 20.98 14.92 -29.52
CA PRO A 244 21.95 14.13 -28.78
C PRO A 244 22.67 13.13 -29.68
N LYS A 245 22.53 13.28 -31.00
CA LYS A 245 23.24 12.39 -31.90
C LYS A 245 24.61 12.94 -32.30
N ILE A 246 24.98 14.16 -31.87
CA ILE A 246 26.26 14.77 -32.19
C ILE A 246 26.87 15.36 -30.93
N GLN A 247 28.19 15.26 -30.82
CA GLN A 247 28.90 15.86 -29.70
C GLN A 247 28.58 17.34 -29.58
N LEU A 248 28.52 17.84 -28.36
CA LEU A 248 28.30 19.26 -28.08
C LEU A 248 29.61 19.87 -27.61
N THR A 249 30.38 20.41 -28.56
CA THR A 249 31.66 21.04 -28.24
C THR A 249 31.43 22.28 -27.39
N PHE A 250 32.48 22.70 -26.68
CA PHE A 250 32.37 23.95 -25.92
C PHE A 250 32.22 25.16 -26.83
N GLU A 251 32.75 25.07 -28.05
CA GLU A 251 32.66 26.19 -28.97
C GLU A 251 31.24 26.36 -29.47
N ALA A 252 30.66 25.29 -30.02
CA ALA A 252 29.26 25.30 -30.43
C ALA A 252 28.36 25.77 -29.29
N THR A 253 28.71 25.42 -28.05
CA THR A 253 27.94 25.88 -26.90
C THR A 253 28.03 27.39 -26.75
N LEU A 254 29.25 27.92 -26.82
CA LEU A 254 29.42 29.35 -26.61
C LEU A 254 28.84 30.16 -27.74
N GLN A 255 28.95 29.67 -28.98
CA GLN A 255 28.40 30.43 -30.09
C GLN A 255 26.88 30.56 -29.98
N GLN A 256 26.18 29.54 -29.50
CA GLN A 256 24.74 29.70 -29.52
C GLN A 256 24.21 30.30 -28.23
N LEU A 257 25.10 30.64 -27.29
CA LEU A 257 24.75 31.58 -26.23
C LEU A 257 24.77 33.03 -26.72
N GLU A 258 24.13 33.89 -25.94
CA GLU A 258 23.81 35.25 -26.32
C GLU A 258 23.75 36.11 -25.06
N ALA A 259 24.20 37.35 -25.21
CA ALA A 259 24.63 38.17 -24.07
C ALA A 259 23.48 38.42 -23.10
N PRO A 260 23.80 38.69 -21.81
CA PRO A 260 25.14 38.80 -21.24
C PRO A 260 25.79 37.44 -20.93
N TYR A 261 25.15 36.37 -21.40
CA TYR A 261 25.54 35.03 -20.97
C TYR A 261 26.76 34.52 -21.72
N ASN A 262 26.96 34.95 -22.96
CA ASN A 262 28.18 34.61 -23.71
C ASN A 262 29.30 35.60 -23.45
N SER A 263 29.39 36.11 -22.22
CA SER A 263 30.40 37.11 -21.86
C SER A 263 31.58 36.50 -21.14
N ASP A 264 31.35 35.90 -19.97
CA ASP A 264 32.40 35.29 -19.16
C ASP A 264 32.71 33.93 -19.77
N THR A 265 33.70 33.88 -20.66
CA THR A 265 33.92 32.65 -21.42
C THR A 265 34.47 31.52 -20.56
N VAL A 266 35.15 31.84 -19.46
CA VAL A 266 35.64 30.74 -18.62
C VAL A 266 34.52 30.14 -17.78
N LEU A 267 33.55 30.96 -17.33
CA LEU A 267 32.38 30.39 -16.68
C LEU A 267 31.66 29.43 -17.60
N VAL A 268 31.51 29.80 -18.88
CA VAL A 268 30.92 28.86 -19.82
C VAL A 268 31.82 27.64 -19.98
N HIS A 269 33.12 27.84 -20.06
CA HIS A 269 34.00 26.69 -20.17
C HIS A 269 33.96 25.82 -18.93
N ARG A 270 33.79 26.41 -17.74
CA ARG A 270 33.65 25.58 -16.55
C ARG A 270 32.34 24.78 -16.57
N VAL A 271 31.24 25.42 -16.95
CA VAL A 271 29.95 24.73 -17.01
C VAL A 271 30.01 23.56 -17.98
N HIS A 272 30.40 23.82 -19.23
CA HIS A 272 30.49 22.74 -20.21
C HIS A 272 31.39 21.62 -19.72
N SER A 273 32.50 21.95 -19.09
CA SER A 273 33.42 20.90 -18.68
C SER A 273 32.83 20.07 -17.54
N TYR A 274 32.19 20.73 -16.57
CA TYR A 274 31.45 20.03 -15.52
C TYR A 274 30.38 19.11 -16.10
N LEU A 275 29.59 19.60 -17.05
CA LEU A 275 28.52 18.78 -17.58
C LEU A 275 29.07 17.61 -18.40
N GLU A 276 30.17 17.82 -19.11
CA GLU A 276 30.72 16.75 -19.93
C GLU A 276 31.28 15.66 -19.04
N ARG A 277 31.86 16.07 -17.92
CA ARG A 277 32.55 15.15 -17.02
C ARG A 277 31.55 14.22 -16.36
N HIS A 278 30.50 14.79 -15.78
CA HIS A 278 29.52 13.98 -15.07
C HIS A 278 28.42 13.46 -15.96
N GLY A 279 28.65 13.42 -17.28
CA GLY A 279 27.76 12.71 -18.17
C GLY A 279 26.38 13.30 -18.32
N LEU A 280 26.22 14.60 -18.03
CA LEU A 280 24.95 15.25 -18.30
C LEU A 280 24.82 15.68 -19.76
N ILE A 281 25.93 15.69 -20.49
CA ILE A 281 25.97 15.96 -21.92
C ILE A 281 27.06 15.09 -22.51
N ASN A 282 26.99 14.86 -23.82
CA ASN A 282 27.95 14.01 -24.53
C ASN A 282 28.16 12.69 -23.79
N PHE A 283 27.05 11.98 -23.59
CA PHE A 283 27.03 10.63 -23.06
C PHE A 283 26.19 9.76 -23.98
N GLY A 284 26.43 8.46 -23.96
CA GLY A 284 25.69 7.59 -24.85
C GLY A 284 26.41 7.35 -26.16
N ILE A 285 25.69 7.36 -27.28
CA ILE A 285 26.27 7.12 -28.58
C ILE A 285 26.09 8.38 -29.40
N TYR A 286 27.18 9.08 -29.65
CA TYR A 286 27.08 10.28 -30.50
C TYR A 286 28.24 10.30 -31.48
N LYS A 287 28.16 11.21 -32.45
CA LYS A 287 29.25 11.34 -33.44
C LYS A 287 30.22 12.35 -32.86
N ARG A 288 31.46 11.93 -32.68
CA ARG A 288 32.51 12.76 -32.07
C ARG A 288 32.97 13.82 -33.05
N ILE A 289 32.78 15.09 -32.75
CA ILE A 289 33.30 16.10 -33.70
C ILE A 289 34.82 16.02 -33.60
N LYS A 290 35.35 16.27 -32.40
CA LYS A 290 36.80 16.22 -32.13
C LYS A 290 37.19 14.78 -31.88
N PRO A 291 37.89 14.09 -32.79
CA PRO A 291 38.25 12.70 -32.58
C PRO A 291 39.17 12.59 -31.37
N LEU A 292 38.99 11.51 -30.63
CA LEU A 292 39.76 11.20 -29.39
C LEU A 292 41.26 11.08 -29.68
N PRO A 293 42.11 11.43 -28.72
CA PRO A 293 43.54 11.40 -28.89
C PRO A 293 44.11 9.98 -28.95
N THR A 294 45.03 9.80 -29.88
CA THR A 294 45.74 8.51 -30.10
C THR A 294 46.46 8.14 -28.82
N LYS A 295 46.92 9.12 -28.06
CA LYS A 295 47.63 8.78 -26.83
C LYS A 295 46.64 8.82 -25.65
N LYS A 296 46.47 7.66 -25.02
CA LYS A 296 45.57 7.53 -23.88
C LYS A 296 46.27 8.04 -22.62
N THR A 297 45.61 7.91 -21.48
CA THR A 297 46.18 8.31 -20.19
C THR A 297 45.52 7.48 -19.10
N GLY A 298 46.31 6.80 -18.27
CA GLY A 298 45.77 5.96 -17.22
C GLY A 298 45.17 4.66 -17.74
N LYS A 299 45.06 3.63 -16.90
CA LYS A 299 44.49 2.35 -17.31
C LYS A 299 43.39 1.93 -16.33
N VAL A 300 42.19 1.66 -16.85
CA VAL A 300 41.06 1.23 -16.03
C VAL A 300 40.58 -0.11 -16.53
N ILE A 301 40.43 -1.05 -15.60
CA ILE A 301 39.76 -2.33 -15.82
C ILE A 301 38.36 -2.24 -15.24
N ILE A 302 37.34 -2.55 -16.06
CA ILE A 302 35.94 -2.48 -15.64
C ILE A 302 35.41 -3.91 -15.59
N ILE A 303 34.88 -4.31 -14.44
CA ILE A 303 34.41 -5.67 -14.25
C ILE A 303 32.92 -5.71 -14.61
N GLY A 304 32.59 -6.45 -15.66
CA GLY A 304 31.20 -6.58 -16.06
C GLY A 304 30.88 -5.66 -17.21
N SER A 305 30.40 -6.22 -18.33
CA SER A 305 29.89 -5.41 -19.42
C SER A 305 28.38 -5.32 -19.35
N GLY A 306 27.92 -4.87 -18.18
CA GLY A 306 26.50 -4.58 -18.02
C GLY A 306 26.23 -3.15 -18.42
N VAL A 307 25.03 -2.67 -18.23
CA VAL A 307 24.80 -1.27 -18.64
C VAL A 307 25.63 -0.35 -17.76
N SER A 308 25.77 -0.62 -16.48
CA SER A 308 26.62 0.29 -15.70
C SER A 308 28.03 0.20 -16.24
N GLY A 309 28.53 -1.00 -16.46
CA GLY A 309 29.90 -1.10 -16.95
C GLY A 309 30.06 -0.46 -18.30
N LEU A 310 29.14 -0.73 -19.19
CA LEU A 310 29.28 -0.14 -20.54
C LEU A 310 29.20 1.36 -20.45
N ALA A 311 28.30 1.87 -19.65
CA ALA A 311 28.15 3.33 -19.63
C ALA A 311 29.44 3.97 -19.14
N ALA A 312 30.02 3.44 -18.09
CA ALA A 312 31.26 4.06 -17.60
C ALA A 312 32.34 3.91 -18.65
N ALA A 313 32.44 2.73 -19.24
CA ALA A 313 33.53 2.49 -20.19
C ALA A 313 33.46 3.49 -21.32
N ARG A 314 32.30 3.60 -21.93
CA ARG A 314 32.16 4.50 -23.06
C ARG A 314 32.56 5.92 -22.69
N GLN A 315 32.34 6.31 -21.43
CA GLN A 315 32.64 7.66 -20.97
C GLN A 315 34.12 7.86 -20.75
N LEU A 316 34.75 6.90 -20.05
CA LEU A 316 36.19 6.94 -19.83
C LEU A 316 36.95 6.96 -21.15
N GLN A 317 36.63 6.04 -22.05
CA GLN A 317 37.23 6.11 -23.37
C GLN A 317 37.00 7.48 -24.01
N SER A 318 35.82 8.05 -23.81
CA SER A 318 35.59 9.40 -24.34
C SER A 318 36.48 10.45 -23.65
N PHE A 319 37.06 10.13 -22.51
CA PHE A 319 37.88 11.08 -21.77
C PHE A 319 39.36 10.90 -22.03
N GLY A 320 39.73 9.94 -22.86
CA GLY A 320 41.12 9.69 -23.14
C GLY A 320 41.78 8.70 -22.21
N MET A 321 41.03 7.77 -21.65
CA MET A 321 41.67 6.73 -20.86
C MET A 321 41.64 5.43 -21.62
N ASP A 322 42.44 4.47 -21.12
CA ASP A 322 42.48 3.11 -21.63
C ASP A 322 41.54 2.27 -20.78
N VAL A 323 40.42 1.83 -21.37
CA VAL A 323 39.48 0.96 -20.69
C VAL A 323 39.45 -0.40 -21.33
N THR A 324 39.43 -1.42 -20.49
CA THR A 324 39.17 -2.79 -20.87
C THR A 324 38.08 -3.34 -19.94
N LEU A 325 37.06 -3.95 -20.52
CA LEU A 325 36.00 -4.59 -19.75
C LEU A 325 36.22 -6.10 -19.70
N LEU A 326 36.01 -6.66 -18.54
CA LEU A 326 36.13 -8.11 -18.31
C LEU A 326 34.73 -8.62 -18.14
N GLU A 327 34.34 -9.58 -18.95
CA GLU A 327 32.96 -10.06 -18.92
C GLU A 327 32.95 -11.58 -18.78
N ALA A 328 32.20 -12.10 -17.81
CA ALA A 328 32.19 -13.55 -17.59
C ALA A 328 31.34 -14.25 -18.65
N ARG A 329 30.34 -13.59 -19.19
CA ARG A 329 29.46 -14.29 -20.14
C ARG A 329 29.99 -14.18 -21.55
N ASP A 330 29.32 -14.84 -22.47
CA ASP A 330 29.59 -14.73 -23.89
C ASP A 330 28.80 -13.58 -24.56
N ARG A 331 28.26 -12.64 -23.79
CA ARG A 331 27.50 -11.53 -24.36
C ARG A 331 27.58 -10.33 -23.41
N VAL A 332 27.29 -9.16 -23.95
CA VAL A 332 27.17 -7.97 -23.11
C VAL A 332 25.76 -7.90 -22.50
N GLY A 333 25.48 -6.85 -21.76
CA GLY A 333 24.11 -6.63 -21.29
C GLY A 333 23.84 -7.09 -19.89
N GLY A 334 24.37 -8.21 -19.48
CA GLY A 334 24.05 -8.62 -18.11
C GLY A 334 22.58 -8.86 -17.97
N ARG A 335 21.94 -8.19 -17.02
CA ARG A 335 20.50 -8.40 -16.74
C ARG A 335 19.66 -7.85 -17.88
N VAL A 336 20.27 -7.28 -18.88
CA VAL A 336 19.52 -6.98 -20.09
C VAL A 336 19.82 -8.10 -21.06
N ALA A 337 19.03 -9.15 -20.98
CA ALA A 337 19.04 -10.31 -21.84
C ALA A 337 17.89 -10.21 -22.84
N THR A 338 18.06 -10.84 -24.00
CA THR A 338 17.02 -10.79 -25.02
C THR A 338 17.06 -12.10 -25.79
N PHE A 339 16.00 -12.90 -25.66
CA PHE A 339 15.84 -14.09 -26.48
C PHE A 339 15.60 -13.67 -27.93
N ARG A 340 16.32 -14.31 -28.84
CA ARG A 340 16.11 -14.12 -30.27
C ARG A 340 16.23 -15.47 -30.95
N LYS A 341 15.15 -15.91 -31.58
CA LYS A 341 15.23 -17.02 -32.52
C LYS A 341 14.22 -16.70 -33.62
N GLY A 342 14.66 -16.75 -34.88
CA GLY A 342 13.85 -16.31 -35.99
C GLY A 342 13.34 -14.89 -35.89
N ASN A 343 12.01 -14.76 -35.83
CA ASN A 343 11.31 -13.51 -35.61
C ASN A 343 10.81 -13.36 -34.18
N TYR A 344 10.98 -14.40 -33.38
CA TYR A 344 10.60 -14.37 -31.98
C TYR A 344 11.64 -13.56 -31.21
N VAL A 345 11.17 -12.59 -30.44
CA VAL A 345 12.02 -11.68 -29.66
C VAL A 345 11.34 -11.44 -28.33
N ALA A 346 12.09 -11.58 -27.23
CA ALA A 346 11.47 -11.45 -25.91
C ALA A 346 12.54 -11.27 -24.84
N ASP A 347 12.42 -10.20 -24.05
CA ASP A 347 13.38 -9.88 -23.01
C ASP A 347 13.19 -10.77 -21.78
N LEU A 348 14.22 -11.52 -21.40
CA LEU A 348 14.18 -12.22 -20.13
C LEU A 348 14.68 -11.35 -18.98
N GLY A 349 15.12 -10.15 -19.31
CA GLY A 349 15.66 -9.25 -18.29
C GLY A 349 14.79 -8.03 -18.15
N ALA A 350 15.39 -6.85 -18.16
CA ALA A 350 14.54 -5.67 -18.03
C ALA A 350 13.77 -5.49 -19.33
N MET A 351 12.50 -5.11 -19.24
CA MET A 351 11.73 -4.91 -20.49
C MET A 351 10.94 -3.63 -20.43
N VAL A 352 11.05 -2.85 -19.36
CA VAL A 352 10.18 -1.65 -19.31
C VAL A 352 11.01 -0.40 -19.11
N VAL A 353 10.66 0.66 -19.83
CA VAL A 353 11.30 1.99 -19.64
C VAL A 353 10.29 2.75 -18.82
N THR A 354 10.66 3.17 -17.63
CA THR A 354 9.66 3.69 -16.69
C THR A 354 9.44 5.19 -16.92
N GLY A 355 8.92 5.52 -18.09
CA GLY A 355 8.49 6.88 -18.36
C GLY A 355 9.65 7.71 -18.85
N LEU A 356 9.45 8.65 -19.77
CA LEU A 356 10.58 9.37 -20.32
C LEU A 356 10.76 10.75 -19.67
N GLY A 357 9.97 11.07 -18.65
CA GLY A 357 10.04 12.38 -18.04
C GLY A 357 11.22 12.52 -17.10
N GLY A 358 12.37 12.90 -17.63
CA GLY A 358 13.60 12.93 -16.86
C GLY A 358 14.43 11.66 -16.95
N ASN A 359 14.17 10.81 -17.91
CA ASN A 359 14.83 9.51 -18.01
C ASN A 359 16.00 9.65 -18.96
N PRO A 360 17.22 9.33 -18.53
CA PRO A 360 18.36 9.31 -19.46
C PRO A 360 18.17 8.32 -20.59
N MET A 361 17.34 7.30 -20.40
CA MET A 361 17.05 6.40 -21.52
C MET A 361 16.36 7.14 -22.65
N ALA A 362 15.69 8.25 -22.35
CA ALA A 362 15.08 9.05 -23.40
C ALA A 362 16.10 9.56 -24.40
N VAL A 363 17.32 9.85 -23.93
CA VAL A 363 18.40 10.26 -24.83
C VAL A 363 18.93 9.06 -25.62
N VAL A 364 19.15 7.93 -24.93
CA VAL A 364 19.61 6.74 -25.64
C VAL A 364 18.62 6.33 -26.70
N SER A 365 17.34 6.64 -26.50
CA SER A 365 16.30 6.24 -27.46
C SER A 365 16.37 7.05 -28.73
N LYS A 366 16.72 8.33 -28.63
CA LYS A 366 16.97 9.09 -29.84
C LYS A 366 18.29 8.70 -30.48
N GLN A 367 19.20 8.13 -29.69
CA GLN A 367 20.53 7.79 -30.22
C GLN A 367 20.51 6.39 -30.78
N VAL A 368 19.57 5.58 -30.35
CA VAL A 368 19.55 4.19 -30.86
C VAL A 368 18.17 3.95 -31.45
N ASN A 369 18.08 3.17 -32.52
CA ASN A 369 16.72 2.95 -33.03
C ASN A 369 16.11 1.91 -32.11
N MET A 370 15.34 2.40 -31.15
CA MET A 370 14.66 1.54 -30.16
C MET A 370 13.18 1.67 -30.47
N GLU A 371 12.45 0.58 -30.61
CA GLU A 371 11.01 0.74 -30.91
C GLU A 371 10.32 0.81 -29.57
N LEU A 372 9.94 2.01 -29.16
CA LEU A 372 9.29 2.20 -27.85
C LEU A 372 7.79 2.08 -28.03
N ALA A 373 7.16 1.18 -27.30
CA ALA A 373 5.70 1.00 -27.43
C ALA A 373 5.04 1.30 -26.09
N LYS A 374 3.92 1.99 -26.12
CA LYS A 374 3.17 2.37 -24.91
C LYS A 374 2.51 1.14 -24.32
N ILE A 375 2.22 1.18 -23.03
CA ILE A 375 1.58 -0.02 -22.41
C ILE A 375 0.20 0.37 -21.92
N LYS A 376 -0.84 -0.35 -22.35
CA LYS A 376 -2.22 -0.02 -21.91
C LYS A 376 -2.40 -0.56 -20.50
N GLN A 377 -2.92 0.23 -19.58
CA GLN A 377 -2.93 -0.21 -18.20
C GLN A 377 -4.07 -1.18 -17.87
N LYS A 378 -4.91 -1.55 -18.85
CA LYS A 378 -6.09 -2.38 -18.61
C LYS A 378 -5.66 -3.81 -18.37
N CYS A 379 -5.70 -4.25 -17.11
CA CYS A 379 -5.31 -5.60 -16.76
C CYS A 379 -6.50 -6.33 -16.17
N PRO A 380 -7.13 -7.22 -16.93
CA PRO A 380 -8.22 -8.05 -16.41
C PRO A 380 -7.76 -9.28 -15.65
N LEU A 381 -8.34 -9.50 -14.47
CA LEU A 381 -7.93 -10.62 -13.59
C LEU A 381 -8.85 -11.81 -13.78
N TYR A 382 -8.28 -12.96 -14.13
CA TYR A 382 -9.07 -14.19 -14.32
C TYR A 382 -8.78 -15.06 -13.12
N GLU A 383 -9.79 -15.63 -12.48
CA GLU A 383 -9.56 -16.44 -11.27
C GLU A 383 -9.10 -17.85 -11.62
N ALA A 384 -8.91 -18.67 -10.61
CA ALA A 384 -8.33 -20.02 -10.78
C ALA A 384 -9.15 -20.85 -11.75
N ASN A 385 -10.47 -20.77 -11.72
CA ASN A 385 -11.33 -21.50 -12.67
C ASN A 385 -11.15 -20.95 -14.08
N GLY A 386 -10.84 -19.67 -14.24
CA GLY A 386 -10.69 -19.13 -15.60
C GLY A 386 -11.81 -18.20 -15.96
N GLN A 387 -12.59 -17.77 -14.97
CA GLN A 387 -13.68 -16.82 -15.26
C GLN A 387 -13.20 -15.43 -14.88
N ALA A 388 -13.43 -14.47 -15.75
CA ALA A 388 -12.97 -13.09 -15.51
C ALA A 388 -13.51 -12.58 -14.19
N VAL A 389 -12.69 -11.94 -13.38
CA VAL A 389 -13.27 -11.40 -12.15
C VAL A 389 -14.20 -10.28 -12.57
N PRO A 390 -15.43 -10.18 -12.04
CA PRO A 390 -16.34 -9.13 -12.41
C PRO A 390 -15.77 -7.77 -12.01
N LYS A 391 -16.06 -6.76 -12.80
CA LYS A 391 -15.47 -5.42 -12.59
C LYS A 391 -15.80 -4.83 -11.23
N GLU A 392 -17.01 -5.00 -10.70
CA GLU A 392 -17.27 -4.33 -9.40
C GLU A 392 -16.34 -4.86 -8.32
N LYS A 393 -16.14 -6.18 -8.27
CA LYS A 393 -15.29 -6.78 -7.21
C LYS A 393 -13.87 -6.30 -7.42
N ASP A 394 -13.45 -6.27 -8.68
CA ASP A 394 -12.08 -5.90 -9.06
C ASP A 394 -11.80 -4.51 -8.54
N GLU A 395 -12.72 -3.58 -8.69
CA GLU A 395 -12.39 -2.23 -8.21
C GLU A 395 -12.35 -2.13 -6.69
N MET A 396 -13.12 -2.92 -5.93
CA MET A 396 -13.06 -2.60 -4.49
C MET A 396 -11.88 -3.28 -3.84
N VAL A 397 -11.40 -4.38 -4.44
CA VAL A 397 -10.20 -5.01 -3.91
C VAL A 397 -8.99 -4.15 -4.23
N GLU A 398 -8.85 -3.74 -5.50
CA GLU A 398 -7.82 -2.77 -5.88
C GLU A 398 -7.87 -1.53 -4.99
N GLN A 399 -9.07 -0.94 -4.82
CA GLN A 399 -9.22 0.18 -3.89
C GLN A 399 -8.76 -0.20 -2.49
N GLU A 400 -9.14 -1.38 -2.02
CA GLU A 400 -8.78 -1.77 -0.67
C GLU A 400 -7.28 -1.96 -0.55
N PHE A 401 -6.69 -2.67 -1.51
CA PHE A 401 -5.23 -2.82 -1.54
C PHE A 401 -4.54 -1.47 -1.40
N ASN A 402 -4.90 -0.51 -2.24
CA ASN A 402 -4.29 0.82 -2.15
C ASN A 402 -4.55 1.45 -0.78
N ARG A 403 -5.73 1.19 -0.20
CA ARG A 403 -5.98 1.68 1.15
C ARG A 403 -5.07 1.00 2.15
N LEU A 404 -4.90 -0.32 2.01
CA LEU A 404 -4.01 -1.06 2.92
C LEU A 404 -2.59 -0.52 2.88
N LEU A 405 -2.05 -0.27 1.67
CA LEU A 405 -0.72 0.30 1.57
C LEU A 405 -0.61 1.60 2.36
N GLU A 406 -1.43 2.58 1.98
CA GLU A 406 -1.46 3.88 2.66
C GLU A 406 -1.58 3.70 4.17
N ALA A 407 -2.33 2.67 4.60
CA ALA A 407 -2.43 2.35 6.02
C ALA A 407 -1.06 2.05 6.62
N THR A 408 -0.26 1.18 5.97
CA THR A 408 1.05 0.84 6.51
C THR A 408 1.92 2.07 6.67
N SER A 409 1.92 2.94 5.66
CA SER A 409 2.68 4.18 5.75
C SER A 409 2.28 4.97 6.99
N TYR A 410 0.99 4.94 7.34
CA TYR A 410 0.51 5.53 8.58
C TYR A 410 1.11 4.84 9.81
N LEU A 411 1.07 3.50 9.88
CA LEU A 411 1.76 2.79 10.96
C LEU A 411 3.22 3.20 11.06
N SER A 412 3.88 3.36 9.91
CA SER A 412 5.31 3.59 9.92
C SER A 412 5.62 5.00 10.45
N HIS A 413 5.03 6.02 9.83
CA HIS A 413 5.47 7.39 10.05
C HIS A 413 4.76 8.07 11.23
N GLN A 414 3.44 7.86 11.38
CA GLN A 414 2.70 8.50 12.46
C GLN A 414 2.71 7.72 13.77
N LEU A 415 2.84 6.40 13.74
CA LEU A 415 2.84 5.60 14.95
C LEU A 415 4.20 4.99 15.30
N ASP A 416 5.22 5.21 14.46
CA ASP A 416 6.58 4.67 14.64
C ASP A 416 6.57 3.16 14.93
N PHE A 417 5.70 2.43 14.24
CA PHE A 417 5.68 0.96 14.30
C PHE A 417 6.77 0.40 13.39
N ASN A 418 8.02 0.59 13.82
CA ASN A 418 9.16 0.25 12.98
C ASN A 418 10.13 -0.72 13.62
N VAL A 419 9.90 -1.12 14.87
CA VAL A 419 10.65 -2.17 15.52
C VAL A 419 9.67 -3.05 16.28
N LEU A 420 9.88 -4.36 16.28
CA LEU A 420 9.01 -5.28 17.00
C LEU A 420 9.85 -6.44 17.49
N ASN A 421 10.05 -6.51 18.81
CA ASN A 421 10.84 -7.58 19.44
C ASN A 421 12.31 -7.48 19.04
N ASN A 422 12.82 -6.25 18.98
CA ASN A 422 14.21 -5.92 18.66
C ASN A 422 14.60 -6.29 17.24
N LYS A 423 13.62 -6.55 16.37
CA LYS A 423 13.80 -6.80 14.95
C LYS A 423 13.05 -5.73 14.17
N PRO A 424 13.49 -5.39 12.96
CA PRO A 424 12.79 -4.33 12.21
C PRO A 424 11.55 -4.87 11.54
N VAL A 425 10.56 -4.00 11.43
CA VAL A 425 9.26 -4.38 10.87
C VAL A 425 9.37 -4.44 9.36
N SER A 426 8.83 -5.51 8.77
CA SER A 426 8.75 -5.57 7.33
C SER A 426 7.38 -5.07 6.84
N LEU A 427 7.30 -4.82 5.54
CA LEU A 427 6.02 -4.41 4.95
C LEU A 427 5.01 -5.52 5.11
N GLY A 428 5.40 -6.76 4.86
CA GLY A 428 4.50 -7.90 5.04
C GLY A 428 3.89 -7.97 6.43
N GLN A 429 4.72 -7.80 7.47
CA GLN A 429 4.18 -7.82 8.83
C GLN A 429 3.18 -6.71 9.03
N ALA A 430 3.47 -5.51 8.54
CA ALA A 430 2.57 -4.39 8.74
C ALA A 430 1.26 -4.58 8.01
N LEU A 431 1.29 -5.17 6.80
CA LEU A 431 0.05 -5.55 6.15
C LEU A 431 -0.75 -6.55 6.98
N GLU A 432 -0.10 -7.60 7.50
CA GLU A 432 -0.82 -8.52 8.37
C GLU A 432 -1.44 -7.79 9.55
N VAL A 433 -0.66 -6.93 10.22
CA VAL A 433 -1.21 -6.22 11.37
C VAL A 433 -2.36 -5.31 10.95
N VAL A 434 -2.26 -4.69 9.78
CA VAL A 434 -3.36 -3.83 9.34
C VAL A 434 -4.58 -4.66 8.96
N ILE A 435 -4.39 -5.77 8.24
CA ILE A 435 -5.54 -6.61 7.92
C ILE A 435 -6.17 -7.16 9.20
N GLN A 436 -5.35 -7.64 10.13
CA GLN A 436 -5.92 -8.11 11.40
C GLN A 436 -6.75 -7.01 12.08
N LEU A 437 -6.19 -5.80 12.20
CA LEU A 437 -6.94 -4.74 12.88
C LEU A 437 -8.20 -4.32 12.11
N GLN A 438 -8.30 -4.63 10.82
CA GLN A 438 -9.56 -4.37 10.14
C GLN A 438 -10.52 -5.55 10.30
N GLU A 439 -10.02 -6.79 10.27
CA GLU A 439 -10.86 -7.92 10.63
C GLU A 439 -11.35 -7.80 12.08
N LYS A 440 -10.56 -7.20 12.97
CA LYS A 440 -11.03 -6.98 14.33
C LYS A 440 -12.13 -5.92 14.36
N HIS A 441 -11.95 -4.84 13.60
CA HIS A 441 -12.96 -3.80 13.59
C HIS A 441 -14.32 -4.32 13.13
N VAL A 442 -14.33 -5.17 12.09
CA VAL A 442 -15.56 -5.83 11.67
C VAL A 442 -16.23 -6.54 12.84
N LYS A 443 -15.46 -7.35 13.57
CA LYS A 443 -16.02 -8.05 14.73
C LYS A 443 -16.47 -7.08 15.80
N ASP A 444 -15.66 -6.07 16.12
CA ASP A 444 -16.09 -5.09 17.11
C ASP A 444 -17.41 -4.43 16.72
N GLU A 445 -17.57 -4.10 15.44
CA GLU A 445 -18.75 -3.35 15.04
C GLU A 445 -19.99 -4.24 14.99
N GLN A 446 -19.81 -5.55 14.83
CA GLN A 446 -20.95 -6.46 14.97
C GLN A 446 -21.39 -6.58 16.42
N ILE A 447 -20.45 -6.82 17.32
CA ILE A 447 -20.81 -6.91 18.74
C ILE A 447 -21.57 -5.67 19.16
N GLU A 448 -21.02 -4.50 18.85
CA GLU A 448 -21.62 -3.22 19.23
C GLU A 448 -23.04 -3.09 18.68
N HIS A 449 -23.32 -3.68 17.53
CA HIS A 449 -24.66 -3.65 16.94
C HIS A 449 -25.60 -4.62 17.66
N TRP A 450 -25.27 -5.92 17.65
CA TRP A 450 -26.09 -6.88 18.35
C TRP A 450 -26.26 -6.51 19.82
N LYS A 451 -25.17 -6.18 20.51
CA LYS A 451 -25.25 -5.77 21.91
C LYS A 451 -26.12 -4.53 22.12
N LYS A 452 -26.59 -3.90 21.04
CA LYS A 452 -27.59 -2.85 21.12
C LYS A 452 -28.98 -3.35 20.73
N ILE A 453 -29.09 -4.57 20.21
CA ILE A 453 -30.38 -5.25 20.21
C ILE A 453 -30.71 -5.77 21.61
N VAL A 454 -29.78 -6.46 22.27
CA VAL A 454 -30.08 -6.88 23.64
C VAL A 454 -30.39 -5.69 24.54
N LYS A 455 -29.84 -4.50 24.26
CA LYS A 455 -30.20 -3.34 25.07
C LYS A 455 -31.71 -3.10 25.03
N THR A 456 -32.30 -3.21 23.84
CA THR A 456 -33.72 -2.95 23.69
C THR A 456 -34.58 -4.18 24.01
N GLN A 457 -34.23 -5.36 23.47
CA GLN A 457 -34.94 -6.58 23.83
C GLN A 457 -35.05 -6.75 25.34
N GLU A 458 -34.12 -6.19 26.11
CA GLU A 458 -34.25 -6.29 27.56
C GLU A 458 -35.24 -5.25 28.08
N GLU A 459 -35.16 -4.00 27.62
CA GLU A 459 -36.18 -3.05 28.06
C GLU A 459 -37.55 -3.36 27.44
N LEU A 460 -37.59 -4.17 26.37
CA LEU A 460 -38.86 -4.75 25.94
C LEU A 460 -39.36 -5.77 26.95
N LYS A 461 -38.49 -6.69 27.37
CA LYS A 461 -38.88 -7.67 28.36
C LYS A 461 -39.47 -7.00 29.60
N GLU A 462 -38.79 -5.97 30.11
CA GLU A 462 -39.30 -5.27 31.29
C GLU A 462 -40.62 -4.55 31.02
N LEU A 463 -40.84 -4.13 29.77
CA LEU A 463 -42.12 -3.51 29.43
C LEU A 463 -43.25 -4.51 29.48
N LEU A 464 -43.02 -5.71 28.95
CA LEU A 464 -44.02 -6.76 29.00
C LEU A 464 -44.38 -7.14 30.43
N ASN A 465 -43.38 -7.29 31.30
CA ASN A 465 -43.68 -7.62 32.69
C ASN A 465 -44.53 -6.55 33.37
N LYS A 466 -44.38 -5.28 32.99
CA LYS A 466 -45.33 -4.29 33.50
C LYS A 466 -46.71 -4.52 32.90
N MET A 467 -46.77 -4.82 31.61
CA MET A 467 -48.03 -5.01 30.94
C MET A 467 -48.71 -6.34 31.28
N VAL A 468 -47.96 -7.36 31.66
CA VAL A 468 -48.63 -8.60 31.98
C VAL A 468 -49.14 -8.55 33.42
N ASN A 469 -48.63 -7.62 34.25
CA ASN A 469 -49.19 -7.43 35.59
C ASN A 469 -50.35 -6.45 35.57
N LEU A 470 -50.21 -5.33 34.84
CA LEU A 470 -51.35 -4.46 34.59
C LEU A 470 -52.55 -5.24 34.05
N LYS A 471 -52.34 -6.12 33.07
CA LYS A 471 -53.48 -6.88 32.58
C LYS A 471 -54.07 -7.75 33.68
N GLU A 472 -53.26 -8.23 34.62
CA GLU A 472 -53.85 -9.00 35.70
C GLU A 472 -54.50 -8.11 36.75
N LYS A 473 -54.01 -6.89 36.96
CA LYS A 473 -54.70 -5.97 37.87
C LYS A 473 -56.00 -5.47 37.25
N ILE A 474 -56.02 -5.28 35.94
CA ILE A 474 -57.25 -4.87 35.29
C ILE A 474 -58.24 -6.03 35.21
N LYS A 475 -57.77 -7.28 35.10
CA LYS A 475 -58.66 -8.43 35.16
C LYS A 475 -59.35 -8.48 36.53
N GLU A 476 -58.67 -8.02 37.58
CA GLU A 476 -59.21 -8.14 38.94
C GLU A 476 -60.09 -6.95 39.31
N LEU A 477 -59.72 -5.72 38.90
CA LEU A 477 -60.60 -4.59 39.18
C LEU A 477 -61.91 -4.70 38.43
N HIS A 478 -61.86 -5.05 37.15
CA HIS A 478 -63.08 -5.23 36.37
C HIS A 478 -64.02 -6.18 37.08
N GLN A 479 -63.50 -7.33 37.56
CA GLN A 479 -64.32 -8.23 38.35
C GLN A 479 -64.91 -7.53 39.56
N GLN A 480 -64.12 -6.72 40.27
CA GLN A 480 -64.65 -6.01 41.42
C GLN A 480 -65.71 -5.00 41.01
N TYR A 481 -65.48 -4.27 39.91
CA TYR A 481 -66.46 -3.31 39.44
C TYR A 481 -67.78 -4.00 39.08
N LYS A 482 -67.66 -5.16 38.48
CA LYS A 482 -68.89 -5.89 38.10
C LYS A 482 -69.66 -6.20 39.37
N GLU A 483 -68.98 -6.78 40.35
CA GLU A 483 -69.68 -7.15 41.60
C GLU A 483 -70.26 -5.90 42.25
N ALA A 484 -69.53 -4.80 42.28
CA ALA A 484 -70.11 -3.58 42.86
C ALA A 484 -71.28 -3.12 41.98
N SER A 485 -71.15 -3.23 40.67
CA SER A 485 -72.25 -2.80 39.78
C SER A 485 -73.45 -3.74 39.91
N GLU A 486 -73.24 -5.01 40.23
CA GLU A 486 -74.36 -5.97 40.40
C GLU A 486 -75.26 -5.55 41.57
N VAL A 487 -74.75 -4.91 42.61
CA VAL A 487 -75.70 -4.53 43.68
C VAL A 487 -76.62 -3.53 43.05
N LYS A 488 -77.86 -3.90 42.82
CA LYS A 488 -78.78 -2.99 42.10
C LYS A 488 -79.16 -1.82 42.98
N PRO A 489 -79.48 -0.68 42.37
CA PRO A 489 -79.87 0.49 43.08
C PRO A 489 -81.28 0.28 43.61
N PRO A 490 -81.66 0.90 44.72
CA PRO A 490 -81.12 2.15 45.15
C PRO A 490 -80.06 1.82 46.19
N ARG A 491 -78.96 2.55 46.20
CA ARG A 491 -77.91 2.12 47.15
C ARG A 491 -77.48 3.27 48.02
N ASP A 492 -76.88 2.93 49.15
CA ASP A 492 -76.35 3.96 50.07
C ASP A 492 -75.12 4.55 49.43
N ILE A 493 -74.74 5.75 49.85
CA ILE A 493 -73.74 6.47 49.07
C ILE A 493 -72.39 5.74 49.06
N THR A 494 -72.04 5.00 50.11
CA THR A 494 -70.76 4.27 50.09
C THR A 494 -70.76 3.18 49.01
N ALA A 495 -71.92 2.57 48.73
CA ALA A 495 -71.98 1.61 47.64
C ALA A 495 -72.00 2.30 46.28
N GLU A 496 -72.59 3.49 46.18
CA GLU A 496 -72.45 4.28 44.96
C GLU A 496 -71.01 4.76 44.79
N PHE A 497 -70.32 5.04 45.89
CA PHE A 497 -68.93 5.46 45.80
C PHE A 497 -68.08 4.33 45.28
N LEU A 498 -68.34 3.12 45.76
CA LEU A 498 -67.54 1.97 45.40
C LEU A 498 -67.65 1.65 43.92
N VAL A 499 -68.82 1.87 43.31
CA VAL A 499 -68.94 1.69 41.86
C VAL A 499 -68.14 2.76 41.13
N LYS A 500 -68.45 4.04 41.40
CA LYS A 500 -67.78 5.13 40.70
C LYS A 500 -66.27 5.14 40.98
N SER A 501 -65.86 4.67 42.16
CA SER A 501 -64.44 4.57 42.47
C SER A 501 -63.74 3.50 41.65
N LYS A 502 -64.23 2.26 41.70
CA LYS A 502 -63.66 1.22 40.86
C LYS A 502 -63.68 1.62 39.39
N HIS A 503 -64.67 2.42 38.96
CA HIS A 503 -64.72 2.81 37.55
C HIS A 503 -63.62 3.81 37.22
N ARG A 504 -63.44 4.81 38.09
CA ARG A 504 -62.24 5.63 38.01
C ARG A 504 -61.01 4.75 37.87
N ASP A 505 -60.73 3.92 38.90
CA ASP A 505 -59.47 3.19 38.95
C ASP A 505 -59.28 2.29 37.75
N LEU A 506 -60.37 1.80 37.17
CA LEU A 506 -60.25 0.89 36.04
C LEU A 506 -59.85 1.65 34.79
N THR A 507 -60.48 2.81 34.54
CA THR A 507 -60.08 3.66 33.42
C THR A 507 -58.68 4.25 33.63
N ALA A 508 -58.26 4.46 34.88
CA ALA A 508 -56.89 4.91 35.15
C ALA A 508 -55.88 3.85 34.71
N LEU A 509 -56.00 2.63 35.26
CA LEU A 509 -55.11 1.56 34.83
C LEU A 509 -55.29 1.22 33.36
N CYS A 510 -56.50 1.40 32.82
CA CYS A 510 -56.65 1.14 31.39
C CYS A 510 -55.93 2.19 30.55
N LYS A 511 -55.81 3.42 31.06
CA LYS A 511 -55.05 4.42 30.32
C LYS A 511 -53.56 4.13 30.42
N GLU A 512 -53.10 3.68 31.60
CA GLU A 512 -51.72 3.23 31.76
C GLU A 512 -51.36 2.13 30.76
N TYR A 513 -52.15 1.05 30.72
CA TYR A 513 -51.84 -0.04 29.81
C TYR A 513 -51.87 0.40 28.35
N ASP A 514 -52.69 1.38 28.06
CA ASP A 514 -52.76 1.80 26.65
C ASP A 514 -51.43 2.45 26.29
N GLU A 515 -50.89 3.25 27.19
CA GLU A 515 -49.61 3.92 26.89
C GLU A 515 -48.52 2.88 26.69
N LEU A 516 -48.49 1.86 27.54
CA LEU A 516 -47.42 0.85 27.40
C LEU A 516 -47.53 0.18 26.04
N ALA A 517 -48.72 -0.14 25.55
CA ALA A 517 -48.78 -0.73 24.19
C ALA A 517 -48.25 0.29 23.19
N GLU A 518 -48.61 1.55 23.36
CA GLU A 518 -48.08 2.58 22.43
C GLU A 518 -46.56 2.58 22.59
N THR A 519 -46.05 2.58 23.82
CA THR A 519 -44.59 2.53 23.97
C THR A 519 -44.04 1.23 23.41
N GLN A 520 -44.72 0.11 23.58
CA GLN A 520 -44.20 -1.17 23.07
C GLN A 520 -44.03 -1.10 21.56
N GLY A 521 -44.95 -0.48 20.83
CA GLY A 521 -44.79 -0.44 19.37
C GLY A 521 -43.49 0.25 18.98
N LYS A 522 -43.16 1.35 19.64
CA LYS A 522 -41.90 2.06 19.31
C LYS A 522 -40.73 1.10 19.51
N LEU A 523 -40.70 0.37 20.61
CA LEU A 523 -39.58 -0.58 20.79
C LEU A 523 -39.67 -1.65 19.72
N GLU A 524 -40.86 -2.12 19.38
CA GLU A 524 -40.94 -3.17 18.35
C GLU A 524 -40.41 -2.63 17.02
N GLU A 525 -40.71 -1.38 16.69
CA GLU A 525 -40.20 -0.79 15.44
C GLU A 525 -38.68 -0.77 15.48
N LYS A 526 -38.10 -0.34 16.60
CA LYS A 526 -36.64 -0.19 16.68
C LYS A 526 -35.98 -1.54 16.42
N LEU A 527 -36.50 -2.58 17.03
CA LEU A 527 -35.95 -3.95 16.85
C LEU A 527 -36.12 -4.35 15.40
N GLN A 528 -37.23 -3.99 14.77
CA GLN A 528 -37.40 -4.35 13.35
C GLN A 528 -36.32 -3.64 12.54
N GLU A 529 -36.06 -2.38 12.84
CA GLU A 529 -35.04 -1.65 12.07
C GLU A 529 -33.65 -2.20 12.38
N LEU A 530 -33.26 -2.21 13.66
CA LEU A 530 -31.89 -2.59 14.05
C LEU A 530 -31.54 -3.91 13.39
N GLU A 531 -32.46 -4.86 13.37
CA GLU A 531 -32.13 -6.08 12.62
C GLU A 531 -32.01 -5.73 11.14
N ALA A 532 -32.84 -4.83 10.62
CA ALA A 532 -32.79 -4.58 9.16
C ALA A 532 -31.43 -4.09 8.71
N ASN A 533 -30.76 -3.24 9.48
CA ASN A 533 -29.42 -2.77 9.01
C ASN A 533 -28.33 -3.34 9.90
N PRO A 534 -27.75 -4.50 9.56
CA PRO A 534 -26.70 -5.07 10.34
C PRO A 534 -25.43 -4.83 9.52
N PRO A 535 -24.31 -4.49 10.16
CA PRO A 535 -23.07 -4.25 9.43
C PRO A 535 -22.47 -5.51 8.81
N SER A 536 -21.53 -5.34 7.88
CA SER A 536 -20.97 -6.48 7.13
C SER A 536 -20.37 -7.51 8.09
N ASP A 537 -20.60 -8.79 7.78
CA ASP A 537 -20.16 -9.92 8.62
C ASP A 537 -18.71 -10.25 8.36
N VAL A 538 -18.16 -9.84 7.22
CA VAL A 538 -16.77 -10.15 6.97
C VAL A 538 -16.03 -8.87 6.60
N TYR A 539 -14.73 -8.86 6.83
CA TYR A 539 -13.92 -7.71 6.36
C TYR A 539 -13.55 -8.12 4.95
N LEU A 540 -13.02 -9.34 4.87
CA LEU A 540 -12.68 -10.05 3.63
C LEU A 540 -12.91 -11.53 3.88
N SER A 541 -13.21 -12.23 2.80
CA SER A 541 -13.59 -13.65 2.57
C SER A 541 -12.58 -14.31 1.65
N SER A 542 -12.68 -15.62 1.53
CA SER A 542 -11.69 -16.39 0.75
C SER A 542 -11.65 -15.89 -0.69
N ARG A 543 -12.79 -15.67 -1.30
CA ARG A 543 -12.66 -15.18 -2.70
C ARG A 543 -12.05 -13.79 -2.69
N ASP A 544 -12.47 -12.95 -1.75
CA ASP A 544 -11.95 -11.57 -1.78
C ASP A 544 -10.46 -11.58 -1.57
N ARG A 545 -9.99 -12.29 -0.55
CA ARG A 545 -8.55 -12.24 -0.20
C ARG A 545 -7.71 -12.77 -1.35
N GLN A 546 -8.16 -13.82 -2.02
CA GLN A 546 -7.39 -14.35 -3.16
C GLN A 546 -7.12 -13.23 -4.14
N ILE A 547 -8.08 -12.36 -4.42
CA ILE A 547 -7.77 -11.31 -5.38
C ILE A 547 -6.83 -10.28 -4.76
N LEU A 548 -6.94 -10.05 -3.45
CA LEU A 548 -5.95 -9.24 -2.76
C LEU A 548 -4.56 -9.84 -2.91
N ASP A 549 -4.47 -11.17 -2.85
CA ASP A 549 -3.17 -11.80 -3.05
C ASP A 549 -2.57 -11.45 -4.38
N TRP A 550 -3.39 -11.26 -5.40
CA TRP A 550 -2.83 -10.93 -6.69
C TRP A 550 -2.25 -9.53 -6.70
N HIS A 551 -2.83 -8.63 -5.92
CA HIS A 551 -2.24 -7.30 -5.81
C HIS A 551 -0.97 -7.31 -4.96
N PHE A 552 -0.84 -8.31 -4.08
CA PHE A 552 0.40 -8.44 -3.32
C PHE A 552 1.50 -9.05 -4.17
N ALA A 553 1.17 -10.06 -4.97
CA ALA A 553 2.13 -10.56 -5.96
C ALA A 553 2.60 -9.43 -6.87
N ASN A 554 1.70 -8.54 -7.27
CA ASN A 554 2.12 -7.37 -8.03
C ASN A 554 3.24 -6.63 -7.32
N LEU A 555 3.03 -6.22 -6.06
CA LEU A 555 4.11 -5.61 -5.28
C LEU A 555 5.34 -6.51 -5.22
N GLU A 556 5.15 -7.78 -4.91
CA GLU A 556 6.31 -8.65 -4.82
C GLU A 556 7.08 -8.69 -6.13
N PHE A 557 6.37 -8.65 -7.25
CA PHE A 557 6.98 -8.43 -8.55
C PHE A 557 7.72 -7.10 -8.68
N ALA A 558 7.11 -5.98 -8.30
CA ALA A 558 7.80 -4.71 -8.45
C ALA A 558 9.13 -4.70 -7.71
N ASN A 559 9.19 -5.35 -6.55
CA ASN A 559 10.35 -5.32 -5.69
C ASN A 559 11.12 -6.62 -5.72
N ALA A 560 10.74 -7.54 -6.60
CA ALA A 560 11.43 -8.83 -6.71
C ALA A 560 11.72 -9.45 -5.34
N THR A 561 10.75 -9.44 -4.43
CA THR A 561 11.00 -10.08 -3.14
C THR A 561 9.70 -10.25 -2.35
N PRO A 562 9.60 -11.29 -1.52
CA PRO A 562 8.47 -11.43 -0.60
C PRO A 562 8.29 -10.19 0.25
N LEU A 563 7.03 -9.72 0.39
CA LEU A 563 6.83 -8.54 1.22
C LEU A 563 7.35 -8.71 2.64
N SER A 564 7.64 -9.94 3.07
CA SER A 564 8.16 -10.14 4.41
C SER A 564 9.58 -9.65 4.57
N THR A 565 10.29 -9.38 3.47
CA THR A 565 11.68 -8.93 3.53
C THR A 565 11.84 -7.42 3.35
N LEU A 566 10.90 -6.73 2.69
CA LEU A 566 11.00 -5.28 2.46
C LEU A 566 11.04 -4.52 3.77
N SER A 567 11.83 -3.44 3.82
CA SER A 567 11.76 -2.56 4.98
C SER A 567 10.44 -1.82 4.96
N LEU A 568 9.70 -1.83 6.06
CA LEU A 568 8.47 -1.03 6.14
C LEU A 568 8.78 0.45 5.93
N LYS A 569 9.72 0.99 6.71
CA LYS A 569 10.01 2.41 6.64
C LYS A 569 10.49 2.83 5.25
N HIS A 570 11.38 2.05 4.63
CA HIS A 570 12.17 2.54 3.51
C HIS A 570 11.88 1.91 2.15
N TRP A 571 11.04 0.88 2.06
CA TRP A 571 10.88 0.19 0.79
C TRP A 571 10.50 1.14 -0.36
N ASP A 572 9.85 2.25 -0.04
CA ASP A 572 9.40 3.19 -1.06
C ASP A 572 10.20 4.48 -1.02
N GLN A 573 11.45 4.41 -0.52
CA GLN A 573 12.27 5.61 -0.33
C GLN A 573 12.65 6.29 -1.63
N ASP A 574 12.54 5.59 -2.76
CA ASP A 574 12.90 6.17 -4.05
C ASP A 574 11.70 6.62 -4.89
N ASP A 575 10.48 6.64 -4.33
CA ASP A 575 9.33 7.01 -5.19
C ASP A 575 9.22 8.51 -5.42
N ASP A 576 10.07 9.37 -4.83
CA ASP A 576 9.85 10.77 -5.12
C ASP A 576 10.46 11.13 -6.46
N PHE A 577 11.39 10.30 -6.94
CA PHE A 577 12.16 10.53 -8.15
C PHE A 577 11.62 9.76 -9.33
N GLU A 578 10.34 9.37 -9.30
CA GLU A 578 9.73 8.67 -10.42
C GLU A 578 9.68 9.59 -11.65
N PHE A 579 9.78 8.98 -12.82
CA PHE A 579 9.70 9.73 -14.06
C PHE A 579 8.23 9.97 -14.47
N THR A 580 8.02 10.94 -15.35
CA THR A 580 6.69 11.18 -15.91
C THR A 580 6.53 10.45 -17.24
N GLY A 581 5.27 10.30 -17.65
CA GLY A 581 4.93 9.64 -18.89
C GLY A 581 4.56 8.18 -18.69
N SER A 582 3.93 7.61 -19.71
CA SER A 582 3.60 6.20 -19.66
C SER A 582 4.86 5.35 -19.62
N HIS A 583 4.68 4.15 -19.15
CA HIS A 583 5.70 3.12 -19.16
C HIS A 583 5.73 2.44 -20.52
N LEU A 584 6.94 2.12 -20.98
CA LEU A 584 7.18 1.69 -22.35
C LEU A 584 7.70 0.27 -22.32
N THR A 585 7.73 -0.35 -23.48
CA THR A 585 8.39 -1.67 -23.60
C THR A 585 9.25 -1.61 -24.85
N VAL A 586 10.27 -2.44 -24.95
CA VAL A 586 11.09 -2.31 -26.16
C VAL A 586 10.65 -3.38 -27.12
N ARG A 587 10.06 -2.97 -28.23
CA ARG A 587 9.55 -3.95 -29.20
C ARG A 587 10.68 -4.75 -29.83
N ASN A 588 11.83 -4.15 -30.07
CA ASN A 588 12.86 -4.89 -30.84
C ASN A 588 13.83 -5.60 -29.92
N GLY A 589 13.53 -5.69 -28.63
CA GLY A 589 14.50 -6.40 -27.79
C GLY A 589 15.36 -5.39 -27.09
N TYR A 590 15.42 -5.47 -25.78
CA TYR A 590 16.13 -4.42 -25.08
C TYR A 590 17.64 -4.62 -25.16
N SER A 591 18.11 -5.75 -25.71
CA SER A 591 19.53 -5.94 -25.91
C SER A 591 20.10 -4.93 -26.89
N CYS A 592 19.25 -4.31 -27.71
CA CYS A 592 19.76 -3.39 -28.71
C CYS A 592 20.53 -2.25 -28.08
N VAL A 593 20.27 -1.93 -26.81
CA VAL A 593 20.94 -0.84 -26.10
C VAL A 593 22.36 -1.26 -25.71
N PRO A 594 22.56 -2.31 -24.90
CA PRO A 594 23.95 -2.72 -24.62
C PRO A 594 24.75 -2.94 -25.87
N VAL A 595 24.27 -3.81 -26.75
CA VAL A 595 25.02 -4.10 -27.97
C VAL A 595 25.44 -2.80 -28.65
N ALA A 596 24.57 -1.80 -28.65
CA ALA A 596 24.92 -0.52 -29.27
C ALA A 596 26.04 0.16 -28.52
N LEU A 597 25.91 0.25 -27.20
CA LEU A 597 26.93 0.93 -26.40
C LEU A 597 28.28 0.23 -26.55
N ALA A 598 28.27 -1.10 -26.62
CA ALA A 598 29.51 -1.85 -26.62
C ALA A 598 30.37 -1.66 -27.87
N GLU A 599 29.95 -0.92 -28.91
CA GLU A 599 30.83 -0.84 -30.06
C GLU A 599 31.97 0.14 -29.76
N GLY A 600 33.13 -0.13 -30.34
CA GLY A 600 34.31 0.66 -30.10
C GLY A 600 34.99 0.41 -28.78
N LEU A 601 34.63 -0.66 -28.10
CA LEU A 601 35.11 -0.92 -26.76
C LEU A 601 35.82 -2.26 -26.71
N ASP A 602 36.81 -2.33 -25.82
CA ASP A 602 37.65 -3.52 -25.69
C ASP A 602 37.00 -4.43 -24.65
N ILE A 603 36.14 -5.35 -25.09
CA ILE A 603 35.46 -6.25 -24.18
C ILE A 603 36.09 -7.63 -24.30
N LYS A 604 36.53 -8.21 -23.18
CA LYS A 604 36.97 -9.60 -23.14
C LYS A 604 35.80 -10.45 -22.66
N LEU A 605 35.17 -11.20 -23.58
CA LEU A 605 34.08 -12.08 -23.16
C LEU A 605 34.62 -13.42 -22.68
N ASN A 606 33.77 -14.15 -21.98
CA ASN A 606 34.15 -15.45 -21.40
C ASN A 606 35.36 -15.32 -20.49
N THR A 607 35.44 -14.21 -19.76
CA THR A 607 36.60 -13.91 -18.95
C THR A 607 36.07 -13.68 -17.54
N ALA A 608 36.19 -14.65 -16.68
CA ALA A 608 35.60 -14.46 -15.34
C ALA A 608 36.61 -13.94 -14.35
N VAL A 609 36.36 -12.79 -13.76
CA VAL A 609 37.31 -12.25 -12.77
C VAL A 609 37.27 -13.16 -11.57
N ARG A 610 38.44 -13.47 -11.01
CA ARG A 610 38.42 -14.38 -9.86
C ARG A 610 39.02 -13.69 -8.65
N GLN A 611 39.93 -12.75 -8.85
CA GLN A 611 40.51 -12.09 -7.68
C GLN A 611 40.77 -10.64 -8.01
N VAL A 612 40.61 -9.75 -7.04
CA VAL A 612 40.89 -8.32 -7.34
C VAL A 612 41.90 -7.82 -6.32
N ARG A 613 43.06 -7.43 -6.80
CA ARG A 613 44.16 -6.95 -5.96
C ARG A 613 44.40 -5.45 -6.21
N TYR A 614 44.33 -4.66 -5.15
CA TYR A 614 44.47 -3.21 -5.27
C TYR A 614 45.50 -2.73 -4.25
N THR A 615 46.54 -2.07 -4.73
CA THR A 615 47.60 -1.66 -3.84
C THR A 615 47.85 -0.17 -4.03
N ALA A 616 48.70 0.36 -3.15
CA ALA A 616 48.94 1.79 -3.21
C ALA A 616 49.55 2.22 -4.54
N SER A 617 50.13 1.30 -5.31
CA SER A 617 50.77 1.66 -6.56
C SER A 617 49.96 1.26 -7.80
N GLY A 618 48.84 0.57 -7.61
CA GLY A 618 47.99 0.19 -8.72
C GLY A 618 47.29 -1.13 -8.42
N CYS A 619 46.75 -1.73 -9.46
CA CYS A 619 45.82 -2.85 -9.29
C CYS A 619 46.18 -3.95 -10.26
N GLU A 620 45.99 -5.19 -9.83
CA GLU A 620 45.95 -6.29 -10.76
C GLU A 620 44.66 -7.08 -10.54
N VAL A 621 44.01 -7.42 -11.65
CA VAL A 621 42.81 -8.26 -11.69
C VAL A 621 43.21 -9.60 -12.28
N ILE A 622 42.88 -10.70 -11.59
CA ILE A 622 43.12 -12.06 -12.10
C ILE A 622 41.79 -12.66 -12.58
N ALA A 623 41.69 -12.95 -13.88
CA ALA A 623 40.51 -13.66 -14.43
C ALA A 623 40.93 -14.96 -15.12
N VAL A 624 39.93 -15.79 -15.43
CA VAL A 624 40.15 -17.06 -16.15
C VAL A 624 39.19 -17.14 -17.33
N ASN A 625 39.35 -18.14 -18.16
CA ASN A 625 38.46 -18.35 -19.31
C ASN A 625 37.30 -19.20 -18.82
N THR A 626 36.07 -18.82 -19.07
CA THR A 626 34.97 -19.67 -18.60
C THR A 626 34.95 -20.97 -19.40
N ARG A 627 35.25 -20.89 -20.69
CA ARG A 627 35.17 -22.09 -21.54
C ARG A 627 36.13 -23.15 -21.00
N SER A 628 37.35 -22.76 -20.65
CA SER A 628 38.29 -23.70 -20.01
C SER A 628 38.85 -22.97 -18.81
N THR A 629 38.68 -23.45 -17.58
CA THR A 629 39.13 -22.67 -16.39
C THR A 629 40.64 -22.66 -16.20
N SER A 630 41.37 -23.38 -17.02
CA SER A 630 42.82 -23.44 -16.73
C SER A 630 43.52 -22.20 -17.24
N GLN A 631 43.10 -21.68 -18.39
CA GLN A 631 43.77 -20.50 -18.97
C GLN A 631 43.64 -19.37 -17.95
N THR A 632 44.74 -18.76 -17.54
CA THR A 632 44.67 -17.71 -16.50
C THR A 632 45.14 -16.40 -17.08
N PHE A 633 44.45 -15.32 -16.75
CA PHE A 633 44.79 -13.99 -17.25
C PHE A 633 45.05 -12.99 -16.12
N ILE A 634 46.03 -12.11 -16.31
CA ILE A 634 46.31 -11.04 -15.36
C ILE A 634 46.33 -9.70 -16.05
N TYR A 635 45.56 -8.77 -15.49
CA TYR A 635 45.38 -7.43 -16.02
C TYR A 635 45.86 -6.45 -14.96
N LYS A 636 46.77 -5.56 -15.36
CA LYS A 636 47.31 -4.55 -14.46
C LYS A 636 46.72 -3.20 -14.87
N CYS A 637 46.44 -2.35 -13.90
CA CYS A 637 45.71 -1.13 -14.20
C CYS A 637 45.86 -0.15 -13.06
N ASP A 638 45.52 1.11 -13.35
CA ASP A 638 45.54 2.16 -12.32
C ASP A 638 44.36 2.08 -11.37
N ALA A 639 43.23 1.54 -11.81
CA ALA A 639 41.98 1.54 -11.08
C ALA A 639 41.06 0.44 -11.63
N VAL A 640 40.32 -0.18 -10.71
CA VAL A 640 39.28 -1.15 -11.03
C VAL A 640 37.92 -0.51 -10.74
N LEU A 641 37.03 -0.51 -11.73
CA LEU A 641 35.61 -0.21 -11.55
C LEU A 641 34.85 -1.52 -11.53
N CYS A 642 34.29 -1.85 -10.37
CA CYS A 642 33.51 -3.08 -10.19
C CYS A 642 32.02 -2.84 -10.50
N THR A 643 31.44 -3.59 -11.45
CA THR A 643 29.98 -3.53 -11.56
C THR A 643 29.37 -4.91 -11.27
N LEU A 644 30.06 -5.69 -10.45
CA LEU A 644 29.56 -6.99 -10.06
C LEU A 644 28.18 -6.85 -9.44
N PRO A 645 27.18 -7.58 -9.93
CA PRO A 645 25.86 -7.59 -9.29
C PRO A 645 25.97 -7.80 -7.79
N LEU A 646 25.01 -7.21 -7.06
CA LEU A 646 25.02 -7.32 -5.60
C LEU A 646 24.96 -8.76 -5.15
N GLY A 647 24.32 -9.62 -5.95
CA GLY A 647 24.19 -11.02 -5.56
C GLY A 647 25.49 -11.77 -5.69
N VAL A 648 26.30 -11.40 -6.70
CA VAL A 648 27.67 -11.90 -6.78
C VAL A 648 28.47 -11.44 -5.57
N LEU A 649 28.37 -10.15 -5.24
CA LEU A 649 29.08 -9.62 -4.10
C LEU A 649 28.69 -10.34 -2.82
N LYS A 650 27.45 -10.85 -2.77
CA LYS A 650 26.94 -11.48 -1.57
C LYS A 650 27.42 -12.92 -1.41
N GLN A 651 27.81 -13.56 -2.52
CA GLN A 651 28.10 -14.97 -2.59
C GLN A 651 29.03 -15.40 -1.43
N GLN A 652 28.65 -16.49 -0.75
CA GLN A 652 29.50 -17.16 0.23
C GLN A 652 29.45 -18.66 -0.03
N PRO A 653 30.59 -19.30 -0.37
CA PRO A 653 31.94 -18.70 -0.42
C PRO A 653 32.09 -17.75 -1.61
N PRO A 654 32.98 -16.77 -1.47
CA PRO A 654 33.10 -15.71 -2.48
C PRO A 654 33.40 -16.26 -3.86
N ALA A 655 32.65 -15.80 -4.87
CA ALA A 655 33.05 -16.02 -6.25
C ALA A 655 34.25 -15.16 -6.64
N VAL A 656 34.50 -14.08 -5.89
CA VAL A 656 35.52 -13.09 -6.21
C VAL A 656 36.17 -12.64 -4.90
N GLN A 657 37.49 -12.71 -4.84
CA GLN A 657 38.21 -12.41 -3.62
C GLN A 657 38.87 -11.04 -3.75
N PHE A 658 38.75 -10.24 -2.71
CA PHE A 658 39.37 -8.91 -2.80
C PHE A 658 40.64 -8.95 -1.98
N VAL A 659 41.74 -8.50 -2.57
CA VAL A 659 43.01 -8.51 -1.81
C VAL A 659 43.53 -7.07 -1.74
N PRO A 660 43.58 -6.40 -0.57
CA PRO A 660 43.12 -6.91 0.69
C PRO A 660 41.60 -6.94 0.79
N PRO A 661 41.02 -7.68 1.73
CA PRO A 661 39.61 -7.86 1.76
C PRO A 661 38.90 -6.53 1.99
N LEU A 662 37.69 -6.44 1.48
CA LEU A 662 36.89 -5.22 1.60
C LEU A 662 36.69 -4.91 3.07
N PRO A 663 36.70 -3.64 3.46
CA PRO A 663 36.55 -3.30 4.84
C PRO A 663 35.17 -3.63 5.36
N GLU A 664 35.04 -3.76 6.66
CA GLU A 664 33.79 -4.20 7.29
C GLU A 664 32.63 -3.27 6.94
N TRP A 665 32.84 -1.98 6.82
CA TRP A 665 31.69 -1.13 6.45
C TRP A 665 31.18 -1.53 5.08
N LYS A 666 32.04 -1.80 4.12
CA LYS A 666 31.47 -2.20 2.82
C LYS A 666 30.84 -3.57 2.90
N THR A 667 31.46 -4.53 3.56
CA THR A 667 30.89 -5.89 3.57
C THR A 667 29.56 -5.88 4.30
N SER A 668 29.47 -5.13 5.41
CA SER A 668 28.23 -5.11 6.19
C SER A 668 27.09 -4.57 5.36
N ALA A 669 27.34 -3.52 4.63
CA ALA A 669 26.30 -2.96 3.78
C ALA A 669 25.91 -4.04 2.80
N VAL A 670 26.86 -4.80 2.33
CA VAL A 670 26.46 -5.85 1.37
C VAL A 670 25.53 -6.84 2.06
N GLN A 671 25.84 -7.24 3.27
CA GLN A 671 24.94 -8.23 3.87
C GLN A 671 23.58 -7.61 4.13
N ARG A 672 23.54 -6.40 4.64
CA ARG A 672 22.27 -5.78 5.03
C ARG A 672 21.36 -5.62 3.84
N MET A 673 21.90 -5.23 2.71
CA MET A 673 21.04 -4.96 1.53
C MET A 673 20.39 -6.21 0.98
N GLY A 674 19.32 -6.04 0.26
CA GLY A 674 18.65 -7.24 -0.25
C GLY A 674 18.75 -7.35 -1.73
N PHE A 675 18.96 -8.56 -2.20
CA PHE A 675 18.99 -8.82 -3.65
C PHE A 675 17.87 -9.82 -3.87
N GLY A 676 16.85 -9.38 -4.55
CA GLY A 676 15.68 -10.21 -4.75
C GLY A 676 15.81 -11.10 -5.97
N ASN A 677 14.64 -11.61 -6.39
CA ASN A 677 14.50 -12.57 -7.48
C ASN A 677 13.12 -12.39 -8.10
N LEU A 678 13.08 -12.43 -9.44
CA LEU A 678 11.85 -12.69 -10.17
C LEU A 678 12.24 -13.32 -11.49
N ASN A 679 11.42 -14.23 -12.01
CA ASN A 679 11.75 -14.95 -13.23
C ASN A 679 10.66 -14.77 -14.28
N LYS A 680 10.98 -15.11 -15.53
CA LYS A 680 10.04 -14.97 -16.62
C LYS A 680 9.95 -16.28 -17.38
N VAL A 681 8.75 -16.60 -17.86
CA VAL A 681 8.55 -17.71 -18.78
C VAL A 681 8.06 -17.10 -20.08
N VAL A 682 8.83 -17.27 -21.14
CA VAL A 682 8.43 -16.75 -22.45
C VAL A 682 7.85 -17.90 -23.29
N LEU A 683 6.70 -17.63 -23.91
CA LEU A 683 5.86 -18.61 -24.58
C LEU A 683 5.65 -18.19 -26.03
N CYS A 684 6.11 -19.02 -26.95
CA CYS A 684 6.11 -18.72 -28.38
C CYS A 684 5.11 -19.61 -29.11
N PHE A 685 4.13 -19.00 -29.75
CA PHE A 685 3.07 -19.70 -30.45
C PHE A 685 3.12 -19.34 -31.94
N ASP A 686 2.28 -20.01 -32.72
CA ASP A 686 2.11 -19.75 -34.14
C ASP A 686 0.95 -18.80 -34.46
N ARG A 687 0.01 -18.60 -33.53
CA ARG A 687 -1.15 -17.76 -33.76
C ARG A 687 -1.57 -17.07 -32.47
N VAL A 688 -2.00 -15.82 -32.59
CA VAL A 688 -2.55 -15.09 -31.45
C VAL A 688 -3.90 -15.69 -31.06
N PHE A 689 -4.06 -16.05 -29.79
CA PHE A 689 -5.34 -16.51 -29.28
C PHE A 689 -5.84 -15.69 -28.10
N TRP A 690 -5.20 -14.60 -27.78
CA TRP A 690 -5.59 -13.75 -26.66
C TRP A 690 -6.17 -12.47 -27.20
N ASP A 691 -6.55 -11.60 -26.31
CA ASP A 691 -7.10 -10.33 -26.77
C ASP A 691 -5.96 -9.42 -27.19
N PRO A 692 -5.79 -9.14 -28.49
CA PRO A 692 -4.65 -8.30 -28.92
C PRO A 692 -4.74 -6.87 -28.47
N SER A 693 -5.90 -6.42 -27.99
CA SER A 693 -6.03 -5.05 -27.51
C SER A 693 -5.65 -4.92 -26.04
N VAL A 694 -5.24 -6.02 -25.40
CA VAL A 694 -4.73 -5.98 -24.04
C VAL A 694 -3.27 -6.40 -24.07
N ASN A 695 -2.43 -5.61 -23.41
CA ASN A 695 -1.02 -5.95 -23.30
C ASN A 695 -0.75 -6.93 -22.16
N LEU A 696 -1.62 -6.94 -21.14
CA LEU A 696 -1.30 -7.70 -19.93
C LEU A 696 -2.57 -8.09 -19.20
N PHE A 697 -2.62 -9.34 -18.75
CA PHE A 697 -3.75 -9.84 -18.00
C PHE A 697 -3.26 -10.74 -16.87
N GLY A 698 -4.02 -10.77 -15.77
CA GLY A 698 -3.62 -11.50 -14.59
C GLY A 698 -4.23 -12.89 -14.48
N HIS A 699 -3.65 -13.69 -13.59
CA HIS A 699 -4.24 -14.93 -13.12
C HIS A 699 -4.18 -14.91 -11.61
N VAL A 700 -5.29 -15.24 -10.97
CA VAL A 700 -5.38 -15.16 -9.51
C VAL A 700 -5.04 -16.53 -8.94
N GLY A 701 -4.01 -16.58 -8.12
CA GLY A 701 -3.59 -17.86 -7.58
C GLY A 701 -4.58 -18.38 -6.55
N SER A 702 -4.51 -19.70 -6.33
CA SER A 702 -5.43 -20.37 -5.42
C SER A 702 -5.02 -20.21 -3.96
N THR A 703 -3.74 -20.05 -3.68
CA THR A 703 -3.26 -19.96 -2.32
C THR A 703 -2.58 -18.62 -2.13
N THR A 704 -2.39 -18.24 -0.86
CA THR A 704 -1.48 -17.15 -0.58
C THR A 704 -0.06 -17.52 -0.96
N ALA A 705 0.36 -18.75 -0.61
CA ALA A 705 1.73 -19.18 -0.86
C ALA A 705 2.08 -19.11 -2.34
N SER A 706 1.18 -19.57 -3.21
CA SER A 706 1.45 -19.56 -4.64
C SER A 706 0.93 -18.30 -5.33
N ARG A 707 0.83 -17.18 -4.60
CA ARG A 707 0.27 -15.99 -5.24
C ARG A 707 1.15 -15.51 -6.39
N GLY A 708 2.47 -15.69 -6.30
CA GLY A 708 3.34 -15.25 -7.37
C GLY A 708 3.47 -16.19 -8.57
N GLU A 709 3.05 -17.44 -8.41
CA GLU A 709 3.22 -18.49 -9.42
C GLU A 709 2.44 -18.21 -10.69
N LEU A 710 3.13 -17.74 -11.73
CA LEU A 710 2.51 -17.38 -13.00
C LEU A 710 1.29 -16.46 -12.83
N PHE A 711 1.45 -15.41 -12.05
CA PHE A 711 0.34 -14.54 -11.73
C PHE A 711 0.05 -13.48 -12.79
N LEU A 712 0.81 -13.39 -13.87
CA LEU A 712 0.62 -12.25 -14.76
C LEU A 712 1.24 -12.55 -16.13
N PHE A 713 0.60 -12.05 -17.19
CA PHE A 713 1.01 -12.37 -18.55
C PHE A 713 1.12 -11.10 -19.37
N TRP A 714 2.06 -11.08 -20.34
CA TRP A 714 2.36 -9.89 -21.14
C TRP A 714 2.30 -10.22 -22.62
N ASN A 715 1.55 -9.40 -23.38
CA ASN A 715 1.54 -9.43 -24.84
C ASN A 715 2.12 -8.11 -25.30
N LEU A 716 3.43 -8.11 -25.57
CA LEU A 716 4.14 -6.88 -25.89
C LEU A 716 4.71 -6.86 -27.30
N TYR A 717 4.88 -8.02 -27.90
CA TYR A 717 5.65 -8.04 -29.16
C TYR A 717 4.79 -8.24 -30.40
N LYS A 718 5.44 -8.02 -31.55
CA LYS A 718 4.83 -8.18 -32.88
C LYS A 718 4.49 -9.65 -33.09
N ALA A 719 5.40 -10.53 -32.71
CA ALA A 719 5.14 -11.97 -32.90
C ALA A 719 4.19 -12.49 -31.83
N PRO A 720 3.60 -13.68 -31.98
CA PRO A 720 2.69 -14.17 -31.00
C PRO A 720 3.54 -14.77 -29.87
N ILE A 721 3.94 -13.92 -28.95
CA ILE A 721 4.75 -14.38 -27.80
C ILE A 721 4.03 -13.91 -26.56
N LEU A 722 3.83 -14.80 -25.60
CA LEU A 722 3.18 -14.34 -24.37
C LEU A 722 4.17 -14.57 -23.24
N LEU A 723 4.38 -13.55 -22.43
CA LEU A 723 5.37 -13.62 -21.34
C LEU A 723 4.64 -13.81 -20.03
N ALA A 724 5.16 -14.66 -19.17
CA ALA A 724 4.50 -14.94 -17.89
C ALA A 724 5.46 -14.79 -16.71
N LEU A 725 5.04 -14.05 -15.68
CA LEU A 725 5.91 -13.72 -14.54
C LEU A 725 5.82 -14.77 -13.43
N VAL A 726 6.97 -15.07 -12.81
CA VAL A 726 7.00 -15.80 -11.55
C VAL A 726 7.63 -14.92 -10.48
N ALA A 727 6.85 -14.51 -9.47
CA ALA A 727 7.37 -13.56 -8.48
C ALA A 727 7.23 -14.03 -7.05
N GLY A 728 7.51 -13.17 -6.08
CA GLY A 728 7.37 -13.46 -4.66
C GLY A 728 8.08 -14.73 -4.26
N GLU A 729 7.56 -15.39 -3.22
CA GLU A 729 8.16 -16.64 -2.75
C GLU A 729 8.13 -17.72 -3.84
N ALA A 730 7.28 -17.58 -4.84
CA ALA A 730 7.25 -18.56 -5.93
C ALA A 730 8.53 -18.55 -6.76
N ALA A 731 9.17 -17.38 -6.90
CA ALA A 731 10.30 -17.23 -7.82
C ALA A 731 11.40 -18.22 -7.51
N GLY A 732 11.88 -18.22 -6.28
CA GLY A 732 12.97 -19.09 -5.88
C GLY A 732 12.60 -20.53 -5.74
N ILE A 733 11.32 -20.87 -5.86
CA ILE A 733 10.88 -22.26 -5.82
C ILE A 733 10.67 -22.82 -7.22
N MET A 734 10.10 -22.05 -8.13
CA MET A 734 9.98 -22.54 -9.50
C MET A 734 11.34 -22.83 -10.13
N GLU A 735 12.43 -22.44 -9.49
CA GLU A 735 13.73 -22.77 -10.03
C GLU A 735 14.17 -24.18 -9.68
N ASN A 736 13.33 -24.93 -9.01
CA ASN A 736 13.76 -26.34 -8.77
C ASN A 736 12.80 -27.24 -9.52
N ILE A 737 12.08 -26.69 -10.48
CA ILE A 737 11.06 -27.44 -11.23
C ILE A 737 11.49 -27.37 -12.69
N SER A 738 11.32 -28.48 -13.41
CA SER A 738 11.69 -28.64 -14.83
C SER A 738 10.92 -27.66 -15.70
N ASP A 739 11.51 -27.24 -16.81
CA ASP A 739 10.84 -26.26 -17.69
C ASP A 739 9.53 -26.84 -18.20
N ASP A 740 9.53 -28.10 -18.58
CA ASP A 740 8.32 -28.74 -19.15
C ASP A 740 7.20 -28.65 -18.13
N VAL A 741 7.46 -28.92 -16.86
CA VAL A 741 6.38 -28.79 -15.87
C VAL A 741 5.96 -27.32 -15.84
N ILE A 742 6.92 -26.42 -15.81
CA ILE A 742 6.58 -24.98 -15.71
C ILE A 742 5.77 -24.58 -16.93
N VAL A 743 6.18 -25.02 -18.10
CA VAL A 743 5.39 -24.65 -19.29
C VAL A 743 4.00 -25.26 -19.17
N GLY A 744 3.92 -26.52 -18.71
CA GLY A 744 2.64 -27.17 -18.48
C GLY A 744 1.74 -26.29 -17.67
N ARG A 745 2.20 -25.83 -16.52
CA ARG A 745 1.33 -25.01 -15.69
C ARG A 745 0.85 -23.78 -16.44
N CYS A 746 1.72 -23.19 -17.28
CA CYS A 746 1.28 -22.06 -18.12
C CYS A 746 0.14 -22.46 -19.03
N LEU A 747 0.30 -23.57 -19.74
CA LEU A 747 -0.73 -24.05 -20.64
C LEU A 747 -2.05 -24.24 -19.90
N ALA A 748 -1.99 -24.90 -18.75
CA ALA A 748 -3.17 -25.08 -17.91
C ALA A 748 -3.86 -23.75 -17.62
N ILE A 749 -3.12 -22.77 -17.09
CA ILE A 749 -3.68 -21.44 -16.89
C ILE A 749 -4.40 -20.95 -18.15
N LEU A 750 -3.72 -21.04 -19.28
CA LEU A 750 -4.24 -20.40 -20.49
C LEU A 750 -5.46 -21.14 -21.02
N LYS A 751 -5.45 -22.48 -20.90
CA LYS A 751 -6.61 -23.29 -21.27
C LYS A 751 -7.83 -22.89 -20.45
N GLY A 752 -7.67 -22.84 -19.12
CA GLY A 752 -8.73 -22.31 -18.28
C GLY A 752 -9.29 -20.97 -18.74
N ILE A 753 -8.51 -20.20 -19.48
CA ILE A 753 -9.03 -18.89 -19.90
C ILE A 753 -9.73 -18.98 -21.25
N PHE A 754 -9.05 -19.54 -22.23
CA PHE A 754 -9.53 -19.49 -23.61
C PHE A 754 -10.04 -20.84 -24.10
N GLY A 755 -10.06 -21.85 -23.23
CA GLY A 755 -10.57 -23.15 -23.60
C GLY A 755 -9.51 -24.04 -24.20
N SER A 756 -9.62 -25.35 -23.95
CA SER A 756 -8.59 -26.31 -24.32
C SER A 756 -8.38 -26.40 -25.83
N SER A 757 -9.22 -25.67 -26.58
CA SER A 757 -9.21 -25.68 -28.03
C SER A 757 -8.33 -24.59 -28.62
N ALA A 758 -8.34 -23.39 -28.04
CA ALA A 758 -7.65 -22.22 -28.60
C ALA A 758 -6.18 -22.11 -28.17
N VAL A 759 -5.68 -23.00 -27.32
CA VAL A 759 -4.30 -22.96 -26.83
C VAL A 759 -3.45 -24.07 -27.46
N PRO A 760 -2.64 -23.76 -28.47
CA PRO A 760 -1.78 -24.78 -29.08
C PRO A 760 -0.56 -25.05 -28.22
N GLN A 761 0.10 -26.16 -28.50
CA GLN A 761 1.42 -26.35 -27.92
C GLN A 761 2.37 -25.24 -28.39
N PRO A 762 3.23 -24.72 -27.53
CA PRO A 762 4.12 -23.62 -27.94
C PRO A 762 5.30 -24.10 -28.78
N LYS A 763 5.62 -23.31 -29.80
CA LYS A 763 6.74 -23.61 -30.68
C LYS A 763 8.08 -23.57 -29.93
N GLU A 764 8.28 -22.54 -29.11
CA GLU A 764 9.55 -22.23 -28.46
C GLU A 764 9.30 -21.79 -27.03
N THR A 765 10.06 -22.37 -26.10
CA THR A 765 9.90 -22.09 -24.67
C THR A 765 11.26 -21.78 -24.05
N VAL A 766 11.31 -20.68 -23.29
CA VAL A 766 12.45 -20.28 -22.46
C VAL A 766 11.93 -19.95 -21.07
N VAL A 767 12.70 -20.33 -20.06
CA VAL A 767 12.34 -19.92 -18.67
C VAL A 767 13.60 -19.43 -17.96
N SER A 768 13.54 -18.25 -17.34
CA SER A 768 14.66 -17.63 -16.61
C SER A 768 14.92 -18.34 -15.30
N ARG A 769 16.16 -18.42 -14.87
CA ARG A 769 16.46 -18.92 -13.51
C ARG A 769 17.56 -18.01 -12.98
N TRP A 770 17.20 -16.77 -12.69
CA TRP A 770 18.19 -15.75 -12.30
C TRP A 770 18.89 -16.08 -11.00
N ARG A 771 18.21 -16.59 -10.01
CA ARG A 771 18.95 -16.80 -8.76
C ARG A 771 20.00 -17.88 -8.97
N ALA A 772 19.76 -18.75 -9.92
CA ALA A 772 20.73 -19.81 -10.18
C ALA A 772 21.90 -19.31 -11.01
N ASP A 773 21.64 -18.32 -11.88
CA ASP A 773 22.65 -17.72 -12.75
C ASP A 773 23.83 -17.20 -11.95
N PRO A 774 25.01 -17.78 -12.11
CA PRO A 774 26.16 -17.39 -11.27
C PRO A 774 26.73 -15.98 -11.53
N TRP A 775 26.38 -15.31 -12.64
CA TRP A 775 26.76 -13.92 -12.90
C TRP A 775 25.67 -12.92 -12.51
N ALA A 776 24.65 -13.38 -11.80
CA ALA A 776 23.60 -12.51 -11.27
C ALA A 776 23.32 -12.90 -9.82
N ARG A 777 23.03 -14.18 -9.57
CA ARG A 777 22.64 -14.67 -8.24
C ARG A 777 21.41 -13.94 -7.72
N GLY A 778 20.53 -13.57 -8.64
CA GLY A 778 19.33 -12.82 -8.33
C GLY A 778 18.99 -11.86 -9.45
N SER A 779 17.95 -11.07 -9.21
CA SER A 779 17.38 -10.22 -10.25
C SER A 779 17.69 -8.74 -10.10
N TYR A 780 17.36 -8.13 -8.95
CA TYR A 780 17.77 -6.76 -8.66
C TYR A 780 17.58 -6.47 -7.17
N SER A 781 18.02 -5.29 -6.75
CA SER A 781 18.12 -4.98 -5.33
C SER A 781 16.78 -4.51 -4.79
N TYR A 782 16.64 -4.59 -3.47
CA TYR A 782 15.46 -4.12 -2.77
C TYR A 782 15.94 -3.64 -1.42
N VAL A 783 15.16 -2.75 -0.78
CA VAL A 783 15.55 -2.22 0.53
C VAL A 783 15.10 -3.25 1.55
N ALA A 784 16.02 -4.12 1.94
CA ALA A 784 15.69 -5.11 2.95
C ALA A 784 15.30 -4.42 4.24
N ALA A 785 14.42 -5.10 4.98
CA ALA A 785 14.19 -4.73 6.37
C ALA A 785 15.52 -4.69 7.11
N GLY A 786 15.68 -3.71 7.99
CA GLY A 786 16.95 -3.49 8.65
C GLY A 786 17.99 -2.78 7.81
N SER A 787 17.75 -2.62 6.51
CA SER A 787 18.59 -1.77 5.66
C SER A 787 17.91 -0.41 5.54
N SER A 788 18.40 0.39 4.60
CA SER A 788 17.91 1.74 4.36
C SER A 788 18.53 2.22 3.06
N GLY A 789 18.09 3.36 2.59
CA GLY A 789 18.71 3.82 1.37
C GLY A 789 20.10 4.33 1.56
N ASN A 790 20.56 4.42 2.79
CA ASN A 790 21.91 4.90 3.06
C ASN A 790 22.95 3.82 2.74
N ASP A 791 22.55 2.55 2.79
CA ASP A 791 23.41 1.45 2.33
C ASP A 791 23.74 1.57 0.86
N TYR A 792 22.80 2.06 0.04
CA TYR A 792 23.10 2.23 -1.37
C TYR A 792 24.25 3.22 -1.55
N ASP A 793 24.39 4.20 -0.65
CA ASP A 793 25.48 5.15 -0.78
C ASP A 793 26.79 4.58 -0.28
N LEU A 794 26.74 3.86 0.85
CA LEU A 794 27.87 3.02 1.24
C LEU A 794 28.36 2.12 0.09
N MET A 795 27.45 1.47 -0.66
CA MET A 795 27.94 0.68 -1.79
C MET A 795 28.77 1.49 -2.76
N ALA A 796 28.48 2.76 -2.94
CA ALA A 796 29.17 3.44 -4.02
C ALA A 796 30.47 4.12 -3.59
N GLN A 797 30.81 4.09 -2.30
CA GLN A 797 32.07 4.70 -1.84
C GLN A 797 33.24 3.90 -2.42
N PRO A 798 34.20 4.56 -3.07
CA PRO A 798 35.41 3.84 -3.53
C PRO A 798 36.25 3.34 -2.36
N ILE A 799 37.16 2.40 -2.64
CA ILE A 799 38.10 1.92 -1.64
C ILE A 799 39.50 2.50 -1.88
N THR A 800 40.12 2.98 -0.81
CA THR A 800 41.48 3.49 -0.89
C THR A 800 42.39 2.52 -0.16
N PRO A 801 43.32 1.87 -0.87
CA PRO A 801 44.27 0.95 -0.21
C PRO A 801 45.14 1.69 0.78
N GLY A 802 45.68 0.95 1.75
CA GLY A 802 46.65 1.52 2.67
C GLY A 802 47.98 1.78 1.98
N PRO A 803 48.90 2.50 2.63
CA PRO A 803 50.20 2.76 2.00
C PRO A 803 51.00 1.48 1.89
N SER A 804 51.84 1.41 0.84
CA SER A 804 52.78 0.30 0.70
C SER A 804 53.91 0.47 1.72
N ILE A 805 54.74 1.48 1.56
CA ILE A 805 55.78 1.72 2.59
C ILE A 805 55.06 2.38 3.76
N PRO A 806 55.21 1.95 5.02
CA PRO A 806 54.51 2.60 6.10
C PRO A 806 55.14 3.98 6.26
N GLY A 807 54.31 4.99 6.53
CA GLY A 807 54.83 6.36 6.67
C GLY A 807 54.71 7.10 5.36
N ALA A 808 54.32 6.42 4.30
CA ALA A 808 54.14 7.08 3.01
C ALA A 808 52.82 7.83 3.05
N PRO A 809 52.63 8.86 2.21
CA PRO A 809 51.43 9.65 2.25
C PRO A 809 50.26 8.79 1.81
N GLN A 810 49.10 9.05 2.38
CA GLN A 810 47.87 8.30 2.06
C GLN A 810 47.62 8.40 0.56
N PRO A 811 47.35 7.28 -0.13
CA PRO A 811 47.19 7.31 -1.55
C PRO A 811 45.79 7.64 -2.05
N ILE A 812 45.65 7.49 -3.36
CA ILE A 812 44.44 7.65 -4.18
C ILE A 812 43.52 6.46 -3.96
N PRO A 813 42.23 6.55 -4.25
CA PRO A 813 41.35 5.42 -4.14
C PRO A 813 41.57 4.62 -5.41
N ARG A 814 41.46 3.30 -5.34
CA ARG A 814 41.78 2.51 -6.54
C ARG A 814 40.64 1.59 -6.95
N LEU A 815 39.70 1.33 -6.06
CA LEU A 815 38.60 0.40 -6.34
C LEU A 815 37.28 1.16 -6.25
N PHE A 816 36.57 1.27 -7.39
CA PHE A 816 35.31 1.98 -7.54
C PHE A 816 34.16 1.02 -7.83
N PHE A 817 32.93 1.42 -7.50
CA PHE A 817 31.76 0.55 -7.69
C PHE A 817 30.64 1.28 -8.40
N ALA A 818 30.02 0.56 -9.31
CA ALA A 818 28.87 1.08 -10.04
C ALA A 818 27.82 -0.02 -10.14
N GLY A 819 26.77 0.25 -10.89
CA GLY A 819 25.72 -0.77 -11.05
C GLY A 819 24.45 -0.35 -10.36
N GLU A 820 23.41 -1.14 -10.53
CA GLU A 820 22.06 -0.88 -10.02
C GLU A 820 22.04 -0.76 -8.51
N HIS A 821 22.86 -1.48 -7.78
CA HIS A 821 22.80 -1.40 -6.32
C HIS A 821 23.60 -0.23 -5.76
N THR A 822 24.19 0.62 -6.57
CA THR A 822 24.99 1.72 -5.98
C THR A 822 24.32 3.08 -6.16
N ILE A 823 23.17 3.17 -6.80
CA ILE A 823 22.56 4.50 -7.00
C ILE A 823 21.33 4.59 -6.10
N ARG A 824 21.42 5.40 -5.05
CA ARG A 824 20.40 5.45 -4.01
C ARG A 824 19.04 5.88 -4.54
N ASN A 825 19.00 6.87 -5.43
CA ASN A 825 17.74 7.43 -5.87
C ASN A 825 17.12 6.75 -7.09
N TYR A 826 17.78 5.71 -7.66
CA TYR A 826 17.23 5.04 -8.82
C TYR A 826 17.64 3.57 -8.84
N PRO A 827 17.50 2.81 -7.76
CA PRO A 827 18.02 1.45 -7.75
C PRO A 827 17.22 0.53 -8.67
N ALA A 828 17.76 -0.67 -8.81
CA ALA A 828 17.06 -1.78 -9.46
C ALA A 828 16.50 -1.42 -10.82
N THR A 829 17.10 -0.49 -11.55
CA THR A 829 16.61 -0.16 -12.87
C THR A 829 17.76 -0.12 -13.87
N VAL A 830 17.43 -0.10 -15.15
CA VAL A 830 18.47 0.11 -16.16
C VAL A 830 18.96 1.55 -16.11
N HIS A 831 18.03 2.51 -16.14
CA HIS A 831 18.47 3.90 -16.11
C HIS A 831 19.30 4.18 -14.86
N GLY A 832 19.04 3.47 -13.75
CA GLY A 832 19.86 3.70 -12.57
C GLY A 832 21.24 3.10 -12.66
N ALA A 833 21.34 1.92 -13.28
CA ALA A 833 22.65 1.39 -13.59
C ALA A 833 23.42 2.39 -14.43
N LEU A 834 22.83 2.77 -15.57
CA LEU A 834 23.51 3.65 -16.49
C LEU A 834 23.98 4.93 -15.81
N LEU A 835 23.10 5.53 -15.01
CA LEU A 835 23.51 6.70 -14.25
C LEU A 835 24.71 6.40 -13.36
N SER A 836 24.74 5.23 -12.70
CA SER A 836 25.89 4.96 -11.83
C SER A 836 27.17 4.83 -12.64
N GLY A 837 27.09 4.22 -13.82
CA GLY A 837 28.24 4.20 -14.71
C GLY A 837 28.73 5.61 -15.02
N LEU A 838 27.84 6.49 -15.46
CA LEU A 838 28.24 7.86 -15.75
C LEU A 838 28.89 8.50 -14.54
N ARG A 839 28.33 8.26 -13.35
CA ARG A 839 28.88 8.80 -12.11
C ARG A 839 30.33 8.38 -11.93
N GLU A 840 30.59 7.07 -11.75
CA GLU A 840 31.96 6.67 -11.47
C GLU A 840 32.91 7.18 -12.55
N ALA A 841 32.55 7.03 -13.83
CA ALA A 841 33.43 7.51 -14.89
C ALA A 841 33.82 8.96 -14.66
N GLY A 842 32.87 9.80 -14.27
CA GLY A 842 33.24 11.15 -13.91
C GLY A 842 34.13 11.19 -12.69
N ARG A 843 33.83 10.36 -11.68
CA ARG A 843 34.64 10.36 -10.46
C ARG A 843 36.06 9.89 -10.72
N ILE A 844 36.17 8.83 -11.49
CA ILE A 844 37.50 8.26 -11.79
C ILE A 844 38.28 9.26 -12.61
N ALA A 845 37.65 9.85 -13.61
CA ALA A 845 38.39 10.81 -14.46
C ALA A 845 38.88 11.98 -13.63
N ASP A 846 38.07 12.48 -12.72
CA ASP A 846 38.50 13.62 -11.89
C ASP A 846 39.71 13.22 -11.07
N GLN A 847 39.69 12.03 -10.52
CA GLN A 847 40.79 11.51 -9.71
C GLN A 847 42.04 11.28 -10.55
N PHE A 848 41.90 10.78 -11.77
CA PHE A 848 43.12 10.45 -12.55
C PHE A 848 43.45 11.47 -13.62
N LEU A 849 42.48 12.02 -14.30
CA LEU A 849 42.86 13.01 -15.32
C LEU A 849 42.94 14.38 -14.68
N GLY A 850 42.38 14.53 -13.49
CA GLY A 850 42.39 15.83 -12.80
C GLY A 850 41.19 16.67 -13.16
N ALA A 851 40.71 17.46 -12.21
CA ALA A 851 39.55 18.29 -12.55
C ALA A 851 40.08 19.69 -12.77
N MET A 852 39.93 20.24 -13.97
CA MET A 852 40.49 21.58 -14.18
C MET A 852 39.35 22.58 -14.20
N TYR A 853 38.18 22.15 -13.74
CA TYR A 853 37.01 23.04 -13.74
C TYR A 853 36.65 23.57 -12.33
N THR A 854 37.50 23.36 -11.34
CA THR A 854 37.20 23.78 -9.97
C THR A 854 37.69 25.19 -9.64
N LEU A 855 38.81 25.63 -10.25
CA LEU A 855 39.38 26.98 -10.04
C LEU A 855 38.34 28.11 -10.22
N ARG B 12 -1.39 12.46 9.15
CA ARG B 12 -2.03 12.79 10.44
C ARG B 12 -3.13 11.79 10.81
N LYS B 13 -4.02 11.46 9.87
CA LYS B 13 -5.10 10.52 10.15
C LYS B 13 -5.08 9.36 9.15
N PRO B 14 -5.46 8.15 9.57
CA PRO B 14 -5.46 7.01 8.64
C PRO B 14 -6.56 7.17 7.62
N PRO B 15 -6.47 6.49 6.48
CA PRO B 15 -7.58 6.54 5.52
C PRO B 15 -8.88 6.14 6.21
N LYS B 16 -9.98 6.76 5.77
CA LYS B 16 -11.26 6.59 6.45
C LYS B 16 -11.80 5.18 6.21
N GLY B 17 -12.23 4.50 7.29
CA GLY B 17 -12.59 3.10 7.25
C GLY B 17 -11.47 2.17 7.70
N MET B 18 -10.23 2.63 7.62
CA MET B 18 -9.11 1.98 8.28
C MET B 18 -9.15 2.35 9.75
N PHE B 19 -8.99 1.34 10.61
CA PHE B 19 -9.05 1.56 12.05
C PHE B 19 -7.74 1.07 12.65
N LEU B 20 -6.98 2.04 13.12
CA LEU B 20 -5.63 1.77 13.66
C LEU B 20 -5.46 2.54 14.95
N SER B 21 -5.46 1.85 16.07
CA SER B 21 -5.31 2.55 17.35
C SER B 21 -3.95 2.19 17.90
N GLN B 22 -3.30 3.13 18.56
CA GLN B 22 -1.98 2.80 19.15
C GLN B 22 -2.20 1.69 20.18
N GLU B 23 -3.23 1.81 21.01
CA GLU B 23 -3.50 0.75 21.98
C GLU B 23 -3.80 -0.54 21.21
N ASP B 24 -4.61 -0.45 20.16
CA ASP B 24 -5.02 -1.68 19.44
C ASP B 24 -3.81 -2.38 18.85
N VAL B 25 -2.90 -1.63 18.26
CA VAL B 25 -1.80 -2.36 17.57
C VAL B 25 -0.96 -3.17 18.54
N GLU B 26 -0.66 -2.61 19.71
CA GLU B 26 0.22 -3.37 20.62
C GLU B 26 -0.52 -4.64 21.02
N ALA B 27 -1.83 -4.51 21.19
CA ALA B 27 -2.64 -5.64 21.68
C ALA B 27 -2.46 -6.81 20.74
N VAL B 28 -2.37 -6.52 19.45
CA VAL B 28 -2.31 -7.66 18.51
C VAL B 28 -0.87 -7.94 18.14
N SER B 29 0.07 -7.22 18.74
CA SER B 29 1.50 -7.46 18.40
C SER B 29 2.23 -8.07 19.58
N ALA B 30 1.61 -8.07 20.76
CA ALA B 30 2.33 -8.53 21.98
C ALA B 30 2.81 -9.98 21.86
N ASN B 31 2.06 -10.87 21.22
CA ASN B 31 2.57 -12.26 21.13
C ASN B 31 2.35 -12.80 19.72
N ALA B 32 2.94 -13.93 19.40
CA ALA B 32 2.86 -14.47 18.03
C ALA B 32 1.41 -14.75 17.61
N THR B 33 0.63 -15.35 18.49
CA THR B 33 -0.78 -15.75 18.28
C THR B 33 -1.72 -14.71 18.88
N ALA B 34 -1.19 -13.56 19.26
CA ALA B 34 -2.01 -12.54 19.93
C ALA B 34 -3.17 -12.11 19.04
N ALA B 35 -2.93 -11.95 17.75
CA ALA B 35 -4.04 -11.52 16.90
C ALA B 35 -5.13 -12.58 16.95
N THR B 36 -4.77 -13.84 16.81
CA THR B 36 -5.82 -14.89 16.79
C THR B 36 -6.54 -14.91 18.14
N THR B 37 -5.81 -14.77 19.23
CA THR B 37 -6.44 -14.75 20.56
C THR B 37 -7.50 -13.65 20.58
N VAL B 38 -7.10 -12.39 20.41
CA VAL B 38 -8.08 -11.30 20.37
C VAL B 38 -9.23 -11.59 19.39
N LEU B 39 -8.92 -12.17 18.25
CA LEU B 39 -9.96 -12.37 17.24
C LEU B 39 -10.83 -13.60 17.46
N ARG B 40 -10.56 -14.44 18.46
CA ARG B 40 -11.58 -15.39 18.88
C ARG B 40 -12.32 -14.93 20.13
N GLN B 41 -11.60 -14.30 21.06
CA GLN B 41 -12.27 -13.78 22.27
C GLN B 41 -13.41 -12.87 21.86
N LEU B 42 -13.39 -12.44 20.61
CA LEU B 42 -14.48 -11.62 20.08
C LEU B 42 -15.42 -12.56 19.34
N ASP B 43 -14.85 -13.54 18.65
CA ASP B 43 -15.73 -14.45 17.90
C ASP B 43 -16.61 -15.17 18.91
N MET B 44 -16.01 -15.67 19.98
CA MET B 44 -16.81 -16.38 21.00
C MET B 44 -17.74 -15.37 21.64
N GLU B 45 -17.25 -14.18 21.93
CA GLU B 45 -18.13 -13.19 22.61
C GLU B 45 -19.32 -12.85 21.72
N LEU B 46 -19.12 -12.73 20.42
CA LEU B 46 -20.29 -12.41 19.59
C LEU B 46 -21.30 -13.53 19.68
N VAL B 47 -20.88 -14.79 19.63
CA VAL B 47 -21.93 -15.85 19.67
C VAL B 47 -22.67 -15.82 20.99
N SER B 48 -22.00 -15.55 22.10
CA SER B 48 -22.69 -15.53 23.40
C SER B 48 -23.80 -14.48 23.35
N VAL B 49 -23.51 -13.30 22.83
CA VAL B 49 -24.58 -12.27 22.74
C VAL B 49 -25.69 -12.78 21.82
N LYS B 50 -25.35 -13.43 20.73
CA LYS B 50 -26.41 -13.95 19.85
C LYS B 50 -27.25 -14.93 20.63
N ARG B 51 -26.63 -15.83 21.40
CA ARG B 51 -27.42 -16.77 22.20
C ARG B 51 -28.31 -15.97 23.12
N GLN B 52 -27.74 -15.01 23.83
CA GLN B 52 -28.52 -14.27 24.82
C GLN B 52 -29.68 -13.53 24.17
N ILE B 53 -29.56 -13.15 22.88
CA ILE B 53 -30.74 -12.65 22.18
C ILE B 53 -31.82 -13.71 22.11
N GLN B 54 -31.57 -14.85 21.45
CA GLN B 54 -32.73 -15.72 21.26
C GLN B 54 -33.31 -16.22 22.58
N ASN B 55 -32.52 -16.25 23.65
CA ASN B 55 -33.09 -16.49 24.96
C ASN B 55 -34.18 -15.47 25.28
N ILE B 56 -33.81 -14.21 25.24
CA ILE B 56 -34.80 -13.15 25.53
C ILE B 56 -35.84 -13.09 24.42
N LYS B 57 -35.48 -13.44 23.20
CA LYS B 57 -36.52 -13.39 22.16
C LYS B 57 -37.58 -14.41 22.52
N GLN B 58 -37.16 -15.61 22.89
CA GLN B 58 -38.13 -16.67 23.26
C GLN B 58 -38.87 -16.21 24.50
N THR B 59 -38.19 -15.63 25.46
CA THR B 59 -38.90 -15.20 26.67
C THR B 59 -39.92 -14.14 26.31
N ASN B 60 -39.55 -13.19 25.47
CA ASN B 60 -40.53 -12.14 25.13
C ASN B 60 -41.69 -12.76 24.35
N SER B 61 -41.41 -13.72 23.48
CA SER B 61 -42.52 -14.33 22.73
C SER B 61 -43.54 -14.92 23.69
N ALA B 62 -43.10 -15.41 24.85
CA ALA B 62 -44.03 -16.01 25.79
C ALA B 62 -44.92 -14.95 26.42
N LEU B 63 -44.32 -13.84 26.89
CA LEU B 63 -45.14 -12.83 27.54
C LEU B 63 -46.00 -12.09 26.53
N LYS B 64 -45.55 -12.05 25.27
CA LYS B 64 -46.39 -11.57 24.18
C LYS B 64 -47.68 -12.38 24.09
N GLU B 65 -47.59 -13.68 24.37
CA GLU B 65 -48.76 -14.56 24.25
C GLU B 65 -49.77 -14.32 25.37
N LYS B 66 -49.28 -14.15 26.60
CA LYS B 66 -50.18 -13.87 27.73
C LYS B 66 -51.01 -12.62 27.50
N LEU B 67 -50.53 -11.70 26.67
CA LEU B 67 -51.22 -10.45 26.45
C LEU B 67 -52.20 -10.53 25.29
N ASP B 68 -52.46 -11.76 24.86
CA ASP B 68 -53.40 -11.94 23.73
C ASP B 68 -54.78 -11.51 24.19
N GLY B 69 -55.41 -10.66 23.39
CA GLY B 69 -56.74 -10.10 23.69
C GLY B 69 -56.60 -8.73 24.30
N GLY B 70 -55.39 -8.36 24.66
CA GLY B 70 -55.16 -7.04 25.26
C GLY B 70 -56.06 -6.84 26.45
N ILE B 71 -56.73 -5.70 26.50
CA ILE B 71 -57.67 -5.43 27.60
C ILE B 71 -59.01 -5.03 26.99
N GLU B 72 -59.29 -5.46 25.77
CA GLU B 72 -60.56 -5.01 25.14
C GLU B 72 -61.75 -5.48 25.95
N PRO B 73 -61.80 -6.73 26.45
CA PRO B 73 -62.93 -7.18 27.23
C PRO B 73 -63.11 -6.37 28.51
N TYR B 74 -62.01 -5.96 29.13
CA TYR B 74 -62.08 -5.24 30.42
C TYR B 74 -62.25 -3.74 30.22
N ARG B 75 -62.27 -3.27 28.99
CA ARG B 75 -62.42 -1.81 28.79
C ARG B 75 -63.83 -1.38 29.17
N LEU B 76 -63.96 -0.16 29.65
CA LEU B 76 -65.29 0.35 30.06
C LEU B 76 -65.62 1.57 29.22
N PRO B 77 -66.86 1.75 28.76
CA PRO B 77 -67.22 2.87 27.91
C PRO B 77 -67.03 4.21 28.61
N GLU B 78 -66.65 5.20 27.80
CA GLU B 78 -66.41 6.62 28.19
C GLU B 78 -67.75 7.29 28.46
N VAL B 79 -67.77 8.34 29.28
CA VAL B 79 -69.08 8.96 29.60
C VAL B 79 -69.14 10.46 29.29
N ILE B 80 -70.05 10.81 28.39
CA ILE B 80 -70.36 12.21 28.09
C ILE B 80 -71.06 12.80 29.30
N GLN B 81 -70.52 13.88 29.85
CA GLN B 81 -71.16 14.46 31.04
C GLN B 81 -70.79 15.93 31.16
N LYS B 82 -71.75 16.81 30.86
CA LYS B 82 -71.53 18.24 30.96
C LYS B 82 -71.30 18.64 32.41
N CYS B 83 -70.22 19.38 32.63
CA CYS B 83 -69.80 19.75 33.97
C CYS B 83 -70.80 20.70 34.61
N ASN B 84 -71.43 20.26 35.70
CA ASN B 84 -72.42 21.05 36.42
C ASN B 84 -71.75 21.89 37.51
N ALA B 85 -72.55 22.73 38.15
CA ALA B 85 -72.03 23.73 39.08
C ALA B 85 -72.42 23.49 40.52
N ARG B 86 -73.69 23.12 40.79
CA ARG B 86 -74.18 22.98 42.15
C ARG B 86 -73.79 21.64 42.75
N TRP B 87 -73.66 21.62 44.09
CA TRP B 87 -73.29 20.42 44.85
C TRP B 87 -74.54 19.74 45.40
N THR B 88 -74.99 18.68 44.72
CA THR B 88 -76.08 17.90 45.30
C THR B 88 -75.57 17.30 46.60
N THR B 89 -76.46 17.13 47.58
CA THR B 89 -76.04 16.45 48.81
C THR B 89 -75.38 15.13 48.49
N GLU B 90 -75.85 14.45 47.43
CA GLU B 90 -75.22 13.21 47.00
C GLU B 90 -73.78 13.47 46.56
N GLU B 91 -73.57 14.45 45.68
CA GLU B 91 -72.23 14.72 45.15
C GLU B 91 -71.27 15.17 46.23
N GLN B 92 -71.76 15.89 47.25
CA GLN B 92 -70.88 16.23 48.36
C GLN B 92 -70.36 14.98 49.04
N LEU B 93 -71.20 13.94 49.15
CA LEU B 93 -70.82 12.74 49.90
C LEU B 93 -69.83 11.89 49.13
N LEU B 94 -70.01 11.73 47.82
CA LEU B 94 -68.94 11.14 47.01
C LEU B 94 -67.61 11.84 47.26
N ALA B 95 -67.63 13.18 47.33
CA ALA B 95 -66.41 13.94 47.51
C ALA B 95 -65.65 13.51 48.76
N VAL B 96 -66.31 13.57 49.92
CA VAL B 96 -65.66 13.24 51.19
C VAL B 96 -65.08 11.82 51.17
N GLN B 97 -65.77 10.87 50.55
CA GLN B 97 -65.19 9.52 50.48
C GLN B 97 -64.02 9.45 49.53
N ALA B 98 -64.08 10.22 48.44
CA ALA B 98 -62.96 10.29 47.52
C ALA B 98 -61.73 10.86 48.20
N ILE B 99 -61.91 11.92 49.00
CA ILE B 99 -60.78 12.47 49.73
C ILE B 99 -60.20 11.44 50.68
N ARG B 100 -61.06 10.72 51.35
CA ARG B 100 -60.51 9.75 52.32
C ARG B 100 -59.87 8.61 51.54
N LYS B 101 -60.05 8.56 50.24
CA LYS B 101 -59.47 7.40 49.53
C LYS B 101 -58.50 7.88 48.46
N TYR B 102 -58.23 9.17 48.38
CA TYR B 102 -57.27 9.55 47.32
C TYR B 102 -56.26 10.54 47.85
N GLY B 103 -56.64 11.34 48.82
CA GLY B 103 -55.68 12.30 49.36
C GLY B 103 -55.85 13.66 48.71
N ARG B 104 -55.20 13.88 47.56
CA ARG B 104 -55.34 15.22 46.91
C ARG B 104 -55.33 15.07 45.41
N ASP B 105 -55.39 13.86 44.88
CA ASP B 105 -55.37 13.71 43.42
C ASP B 105 -56.68 14.27 42.84
N PHE B 106 -56.84 15.58 42.80
CA PHE B 106 -58.13 16.18 42.36
C PHE B 106 -58.61 15.61 41.02
N GLN B 107 -57.71 15.33 40.09
CA GLN B 107 -58.16 14.78 38.79
C GLN B 107 -59.00 13.54 39.05
N ALA B 108 -58.52 12.70 39.95
CA ALA B 108 -59.27 11.50 40.30
C ALA B 108 -60.59 11.86 40.96
N ILE B 109 -60.55 12.75 41.95
CA ILE B 109 -61.78 13.13 42.63
C ILE B 109 -62.76 13.78 41.65
N SER B 110 -62.25 14.59 40.71
CA SER B 110 -63.08 15.03 39.60
C SER B 110 -63.66 13.84 38.84
N ASP B 111 -62.86 12.79 38.63
CA ASP B 111 -63.33 11.69 37.78
C ASP B 111 -64.35 10.81 38.51
N VAL B 112 -64.23 10.79 39.82
CA VAL B 112 -65.18 9.99 40.63
C VAL B 112 -66.51 10.71 40.59
N ILE B 113 -66.55 11.92 41.10
CA ILE B 113 -67.80 12.70 41.08
C ILE B 113 -68.16 12.89 39.62
N GLY B 114 -67.17 13.34 38.86
CA GLY B 114 -67.33 13.52 37.42
C GLY B 114 -67.88 14.89 37.12
N ASN B 115 -69.14 15.10 37.46
CA ASN B 115 -69.77 16.39 37.09
C ASN B 115 -69.05 17.57 37.74
N LYS B 116 -67.82 17.42 38.23
CA LYS B 116 -67.18 18.64 38.75
C LYS B 116 -65.76 18.74 38.24
N SER B 117 -65.33 19.95 37.90
CA SER B 117 -63.97 20.23 37.38
C SER B 117 -63.00 20.24 38.54
N VAL B 118 -61.72 20.06 38.24
CA VAL B 118 -60.67 20.03 39.30
C VAL B 118 -60.71 21.33 40.10
N VAL B 119 -60.83 22.46 39.43
CA VAL B 119 -60.87 23.75 40.16
C VAL B 119 -62.04 23.69 41.13
N GLN B 120 -63.22 23.30 40.64
CA GLN B 120 -64.42 23.22 41.50
C GLN B 120 -64.08 22.35 42.70
N VAL B 121 -63.54 21.16 42.44
CA VAL B 121 -63.09 20.27 43.53
C VAL B 121 -62.13 21.04 44.41
N LYS B 122 -61.11 21.64 43.79
CA LYS B 122 -60.08 22.35 44.55
C LYS B 122 -60.75 23.41 45.43
N ASN B 123 -61.58 24.27 44.84
CA ASN B 123 -62.14 25.32 45.71
C ASN B 123 -63.07 24.70 46.76
N PHE B 124 -63.82 23.67 46.39
CA PHE B 124 -64.76 22.96 47.31
C PHE B 124 -64.10 22.62 48.63
N PHE B 125 -62.88 22.08 48.59
CA PHE B 125 -62.09 21.74 49.79
C PHE B 125 -62.13 22.89 50.80
N VAL B 126 -61.79 24.08 50.34
CA VAL B 126 -61.79 25.21 51.31
C VAL B 126 -63.20 25.44 51.81
N ASN B 127 -64.11 25.71 50.89
CA ASN B 127 -65.53 26.03 51.18
C ASN B 127 -66.11 25.20 52.31
N TYR B 128 -66.22 23.90 52.09
CA TYR B 128 -66.87 23.05 53.14
C TYR B 128 -65.82 22.47 54.08
N ARG B 129 -64.61 23.00 54.01
CA ARG B 129 -63.48 22.40 54.76
C ARG B 129 -63.78 22.33 56.26
N ARG B 130 -64.33 23.37 56.84
CA ARG B 130 -64.55 23.25 58.30
C ARG B 130 -65.64 22.22 58.59
N ARG B 131 -66.70 22.19 57.80
CA ARG B 131 -67.85 21.32 58.14
C ARG B 131 -67.52 19.86 57.83
N PHE B 132 -67.46 19.50 56.55
CA PHE B 132 -67.12 18.13 56.25
C PHE B 132 -65.80 17.72 56.87
N ASN B 133 -65.28 18.59 57.73
CA ASN B 133 -64.24 18.26 58.68
C ASN B 133 -63.06 17.64 57.93
N ILE B 134 -62.77 18.24 56.76
CA ILE B 134 -61.86 17.72 55.73
C ILE B 134 -60.44 17.62 56.24
N ASP B 135 -60.12 18.34 57.32
CA ASP B 135 -58.78 18.24 57.89
C ASP B 135 -58.52 16.83 58.42
N GLU B 136 -59.38 16.35 59.34
CA GLU B 136 -59.21 15.03 59.91
C GLU B 136 -59.22 13.96 58.83
N VAL B 137 -60.03 14.15 57.79
CA VAL B 137 -60.12 13.18 56.71
C VAL B 137 -58.77 12.98 56.06
N LEU B 138 -58.09 14.07 55.73
CA LEU B 138 -56.77 13.98 55.11
C LEU B 138 -55.78 13.30 56.04
N GLN B 139 -55.81 13.64 57.32
CA GLN B 139 -54.92 13.00 58.28
C GLN B 139 -55.10 11.49 58.25
N GLU B 140 -56.36 11.06 58.19
CA GLU B 140 -56.66 9.63 58.05
C GLU B 140 -56.08 9.07 56.75
N TRP B 141 -56.19 9.81 55.66
CA TRP B 141 -55.66 9.34 54.38
C TRP B 141 -54.16 9.10 54.44
N GLU B 142 -53.45 9.91 55.23
CA GLU B 142 -52.01 9.79 55.31
C GLU B 142 -51.56 8.57 56.11
N ALA B 143 -52.38 8.11 57.07
CA ALA B 143 -52.07 6.86 57.76
C ALA B 143 -51.90 5.68 56.80
N GLU B 144 -52.46 5.74 55.60
CA GLU B 144 -52.30 4.67 54.62
C GLU B 144 -51.24 5.02 53.59
N PRO C 1 8.82 1.40 -5.97
CA PRO C 1 7.78 1.74 -6.93
C PRO C 1 6.81 0.56 -7.08
N ARG C 2 5.50 0.80 -6.95
CA ARG C 2 4.46 -0.25 -7.09
C ARG C 2 4.29 -0.71 -8.54
N SER C 3 4.70 0.11 -9.51
CA SER C 3 4.57 -0.23 -10.95
C SER C 3 3.14 -0.66 -11.26
N PHE C 4 2.17 0.22 -11.00
CA PHE C 4 0.69 0.06 -11.09
C PHE C 4 0.22 -0.94 -10.03
C4 Y0Z D . 15.25 -5.92 -14.34
C14 Y0Z D . 11.25 -1.27 -13.39
C5 Y0Z D . 14.06 -6.24 -14.91
C6 Y0Z D . 13.65 -7.55 -15.01
C11 Y0Z D . 10.91 -4.92 -12.53
C7 Y0Z D . 14.48 -8.55 -14.65
C8 Y0Z D . 14.06 -9.98 -14.82
C9 Y0Z D . 11.96 -5.53 -14.72
C10 Y0Z D . 11.91 -5.77 -13.25
C12 Y0Z D . 11.18 -3.45 -12.41
C13 Y0Z D . 11.09 -2.62 -13.52
N1 Y0Z D . 13.22 -5.28 -15.18
N2 Y0Z D . 12.16 -1.74 -8.70
C3 Y0Z D . 16.13 -6.92 -13.98
N3 Y0Z D . 15.30 -2.35 -15.00
C1 Y0Z D . 16.69 -9.34 -13.71
C15 Y0Z D . 11.51 -0.70 -12.15
C16 Y0Z D . 11.60 -1.51 -11.04
C17 Y0Z D . 11.86 -0.90 -9.70
C18 Y0Z D . 12.53 -1.38 -7.39
C19 Y0Z D . 12.77 -0.06 -7.06
C2 Y0Z D . 15.77 -8.24 -14.12
C20 Y0Z D . 13.15 0.27 -5.78
C21 Y0Z D . 13.30 -0.68 -4.82
C22 Y0Z D . 13.07 -1.99 -5.13
C23 Y0Z D . 12.68 -2.34 -6.41
C24 Y0Z D . 11.40 -2.88 -11.18
C25 Y0Z D . 13.69 -3.98 -15.41
C26 Y0Z D . 14.86 -3.61 -14.85
C27 Y0Z D . 14.56 -1.42 -15.65
C28 Y0Z D . 12.89 -3.11 -16.00
C29 Y0Z D . 16.89 -4.21 -13.60
C30 Y0Z D . 17.96 -3.98 -14.60
C31 Y0Z D . 19.31 -4.04 -13.89
C32 Y0Z D . 20.47 -3.46 -14.67
C33 Y0Z D . 21.74 -3.55 -13.86
C34 Y0Z D . 26.75 -7.28 -14.54
C35 Y0Z D . 27.76 -7.82 -15.49
C36 Y0Z D . 29.05 -9.68 -15.25
C37 Y0Z D . 29.20 -10.95 -13.09
C38 Y0Z D . 31.25 -11.48 -13.09
C39 Y0Z D . 32.53 -11.95 -12.86
C40 Y0Z D . 33.13 -10.96 -14.84
C41 Y0Z D . 31.04 -10.77 -14.23
C42 Y0Z D . 27.69 -10.17 -15.66
C43 Y0Z D . 27.28 -8.92 -16.42
N10 Y0Z D . 31.94 -10.48 -15.17
N4 Y0Z D . 13.36 -1.83 -16.14
N5 Y0Z D . 15.62 -4.56 -14.24
N6 Y0Z D . 29.73 -10.45 -14.24
N7 Y0Z D . 30.08 -11.60 -12.37
N8 Y0Z D . 32.89 -12.66 -11.80
N9 Y0Z D . 33.47 -11.66 -13.76
O1 Y0Z D . 11.01 -5.59 -15.44
O10 Y0Z D . 24.10 -3.07 -12.57
O11 Y0Z D . 24.63 -5.10 -13.73
O12 Y0Z D . 24.19 -7.44 -13.96
O13 Y0Z D . 23.69 -5.81 -15.87
O14 Y0Z D . 25.96 -6.34 -15.24
O15 Y0Z D . 28.79 -8.43 -14.70
O16 Y0Z D . 27.83 -11.28 -16.51
O17 Y0Z D . 28.09 -8.91 -17.60
O2 Y0Z D . 11.74 0.30 -9.54
O3 Y0Z D . 14.94 -0.28 -15.79
O4 Y0Z D . 11.83 -3.42 -16.47
O5 Y0Z D . 17.93 -5.06 -15.42
O6 Y0Z D . 19.23 -3.27 -12.77
O7 Y0Z D . 20.62 -4.16 -15.89
O8 Y0Z D . 22.91 -3.70 -14.65
O9 Y0Z D . 25.15 -2.94 -14.87
P1 Y0Z D . 24.27 -3.60 -13.91
P2 Y0Z D . 24.50 -6.26 -14.75
#